data_2ESM
#
_entry.id   2ESM
#
_cell.length_a   181.046
_cell.length_b   181.046
_cell.length_c   89.420
_cell.angle_alpha   90.00
_cell.angle_beta   90.00
_cell.angle_gamma   120.00
#
_symmetry.space_group_name_H-M   'P 31 2 1'
#
loop_
_entity.id
_entity.type
_entity.pdbx_description
1 polymer 'Rho-associated protein kinase 1'
2 non-polymer 5-(1,4-DIAZEPAN-1-SULFONYL)ISOQUINOLINE
3 water water
#
_entity_poly.entity_id   1
_entity_poly.type   'polypeptide(L)'
_entity_poly.pdbx_seq_one_letter_code
;GSLHMSFETRFEKMDNLLRDPKSEVNSDCLLDGLDALVYDLDFPALRKNKNIDNFLSRYKDTINKIRDLRMKAEDYEVVK
VIGRGAFGEVQLVRHKSTRKVYAMKLLSKFEMIKRSDSAFFWEERDIMAFANSPWVVQLFYAFQDDRYLYMVMEYMPGGD
LVNLMSNYDVPEKWARFYTAEVVLALDAIHSMGFIHRDVKPDNMLLDKSGHLKLADFGTCMKMNKEGMVRCDTAVGTPDY
ISPEVLKSQGGDGYYGRECDWWSVGVFLYEMLVGDTPFYADSLVGTYSKIMNHKNSLTFPDDNDISKEAKNLICAFLTDR
EVRLGRNGVEEIKRHLFFKNDQWAWETLRDTVAPVVPDLSSDIDTSNFDDLEEDKGEEETFPIPKAFVGNQLPFVGFTYY
SNRRYLSSANPNDNR
;
_entity_poly.pdbx_strand_id   A,B
#
# COMPACT_ATOMS: atom_id res chain seq x y z
N SER A 6 -5.14 -20.50 -13.94
CA SER A 6 -5.30 -19.71 -15.20
C SER A 6 -4.74 -18.30 -15.04
N PHE A 7 -4.17 -17.77 -16.12
CA PHE A 7 -3.64 -16.40 -16.13
C PHE A 7 -4.75 -15.38 -15.89
N GLU A 8 -5.98 -15.75 -16.27
CA GLU A 8 -7.15 -14.92 -16.03
C GLU A 8 -7.62 -15.03 -14.57
N THR A 9 -7.96 -16.25 -14.15
CA THR A 9 -8.39 -16.54 -12.78
C THR A 9 -7.53 -15.80 -11.76
N ARG A 10 -6.22 -15.80 -12.01
CA ARG A 10 -5.22 -15.15 -11.14
C ARG A 10 -5.40 -13.64 -11.08
N PHE A 11 -5.32 -12.98 -12.23
CA PHE A 11 -5.50 -11.52 -12.32
C PHE A 11 -6.80 -11.10 -11.63
N GLU A 12 -7.79 -11.99 -11.67
CA GLU A 12 -9.10 -11.75 -11.07
C GLU A 12 -9.09 -11.89 -9.54
N LYS A 13 -8.68 -13.06 -9.04
CA LYS A 13 -8.58 -13.30 -7.61
C LYS A 13 -7.81 -12.18 -6.93
N MET A 14 -6.65 -11.85 -7.51
CA MET A 14 -5.81 -10.75 -7.07
C MET A 14 -6.57 -9.43 -7.07
N ASP A 15 -7.40 -9.23 -8.09
CA ASP A 15 -8.24 -8.03 -8.20
C ASP A 15 -9.26 -7.99 -7.05
N ASN A 16 -9.79 -9.15 -6.70
CA ASN A 16 -10.76 -9.27 -5.59
C ASN A 16 -10.13 -8.99 -4.23
N LEU A 17 -8.93 -9.52 -4.02
CA LEU A 17 -8.17 -9.29 -2.79
C LEU A 17 -7.83 -7.81 -2.61
N LEU A 18 -7.75 -7.09 -3.73
CA LEU A 18 -7.47 -5.66 -3.70
C LEU A 18 -8.72 -4.81 -3.46
N ARG A 19 -9.89 -5.38 -3.74
CA ARG A 19 -11.15 -4.65 -3.61
C ARG A 19 -11.91 -4.94 -2.32
N ASP A 20 -12.06 -6.22 -2.00
CA ASP A 20 -12.88 -6.69 -0.87
C ASP A 20 -12.70 -5.84 0.40
N PRO A 21 -13.80 -5.25 0.90
CA PRO A 21 -13.82 -4.49 2.16
C PRO A 21 -13.36 -5.27 3.39
N LYS A 22 -13.09 -6.56 3.23
CA LYS A 22 -12.65 -7.42 4.33
C LYS A 22 -11.29 -8.07 4.04
N SER A 23 -10.71 -7.78 2.88
CA SER A 23 -9.41 -8.33 2.52
C SER A 23 -8.31 -7.68 3.33
N GLU A 24 -7.39 -8.49 3.82
CA GLU A 24 -6.26 -7.99 4.61
C GLU A 24 -5.23 -7.27 3.74
N VAL A 25 -5.49 -7.20 2.43
CA VAL A 25 -4.61 -6.48 1.49
C VAL A 25 -5.35 -5.56 0.51
N ASN A 26 -6.48 -5.00 0.93
CA ASN A 26 -7.20 -4.04 0.10
C ASN A 26 -6.51 -2.67 0.11
N SER A 27 -6.99 -1.76 -0.74
CA SER A 27 -6.43 -0.40 -0.83
C SER A 27 -6.22 0.23 0.55
N ASP A 28 -7.22 0.07 1.41
CA ASP A 28 -7.15 0.53 2.81
C ASP A 28 -5.94 -0.04 3.53
N CYS A 29 -5.73 -1.35 3.38
CA CYS A 29 -4.61 -2.04 4.02
C CYS A 29 -3.26 -1.68 3.41
N LEU A 30 -3.23 -1.51 2.09
CA LEU A 30 -2.00 -1.20 1.38
C LEU A 30 -1.54 0.24 1.62
N LEU A 31 -2.47 1.18 1.42
CA LEU A 31 -2.20 2.59 1.74
C LEU A 31 -1.77 2.74 3.19
N ASP A 32 -2.40 1.96 4.09
CA ASP A 32 -2.00 1.91 5.49
C ASP A 32 -0.60 1.34 5.68
N GLY A 33 -0.33 0.21 5.01
CA GLY A 33 0.96 -0.46 5.08
C GLY A 33 2.11 0.47 4.71
N LEU A 34 1.96 1.16 3.57
CA LEU A 34 2.94 2.14 3.13
C LEU A 34 3.03 3.31 4.10
N ASP A 35 1.88 3.88 4.45
CA ASP A 35 1.80 4.98 5.40
C ASP A 35 2.49 4.62 6.72
N ALA A 36 2.31 3.37 7.15
CA ALA A 36 2.93 2.86 8.37
C ALA A 36 4.45 2.79 8.25
N LEU A 37 4.93 2.35 7.10
CA LEU A 37 6.36 2.21 6.84
C LEU A 37 7.08 3.56 6.95
N VAL A 38 6.72 4.49 6.07
CA VAL A 38 7.27 5.85 6.08
C VAL A 38 7.27 6.46 7.49
N TYR A 39 6.13 6.33 8.17
CA TYR A 39 6.01 6.76 9.57
C TYR A 39 7.05 6.12 10.48
N ASP A 40 7.27 4.82 10.31
CA ASP A 40 8.18 4.07 11.17
C ASP A 40 9.62 4.00 10.65
N LEU A 41 9.95 4.84 9.67
CA LEU A 41 11.31 4.91 9.15
C LEU A 41 11.90 6.31 9.28
N ASP A 42 11.05 7.32 9.14
CA ASP A 42 11.49 8.72 9.14
C ASP A 42 11.96 9.19 10.51
N PHE A 43 13.15 8.72 10.89
CA PHE A 43 13.79 9.12 12.13
C PHE A 43 15.29 9.24 11.87
N PRO A 44 15.88 10.42 12.15
CA PRO A 44 17.30 10.68 11.90
C PRO A 44 18.19 9.47 12.19
N ALA A 45 17.98 8.83 13.35
CA ALA A 45 18.74 7.65 13.75
C ALA A 45 18.62 6.49 12.75
N LEU A 46 17.49 6.41 12.05
CA LEU A 46 17.23 5.36 11.06
C LEU A 46 17.67 5.77 9.66
N ARG A 47 17.54 7.06 9.35
CA ARG A 47 17.93 7.62 8.06
C ARG A 47 19.39 7.36 7.72
N LYS A 48 20.21 7.16 8.74
CA LYS A 48 21.63 6.82 8.58
C LYS A 48 21.82 5.67 7.60
N ASN A 49 20.89 4.71 7.64
CA ASN A 49 20.84 3.61 6.68
C ASN A 49 20.41 4.13 5.31
N LYS A 50 21.24 3.85 4.30
CA LYS A 50 20.97 4.30 2.92
C LYS A 50 19.57 3.97 2.44
N ASN A 51 19.32 2.67 2.21
CA ASN A 51 18.01 2.19 1.77
C ASN A 51 16.87 3.03 2.33
N ILE A 52 16.75 3.01 3.67
CA ILE A 52 15.75 3.78 4.40
C ILE A 52 15.71 5.24 3.96
N ASP A 53 16.86 5.91 4.04
CA ASP A 53 16.97 7.33 3.63
C ASP A 53 16.59 7.51 2.16
N ASN A 54 17.15 6.68 1.29
CA ASN A 54 16.84 6.68 -0.13
C ASN A 54 15.34 6.53 -0.38
N PHE A 55 14.80 5.44 0.15
CA PHE A 55 13.37 5.12 0.03
C PHE A 55 12.47 6.27 0.44
N LEU A 56 12.75 6.85 1.61
CA LEU A 56 11.95 7.94 2.15
C LEU A 56 11.99 9.20 1.28
N SER A 57 13.16 9.49 0.71
CA SER A 57 13.32 10.61 -0.21
C SER A 57 12.64 10.33 -1.54
N ARG A 58 12.61 9.06 -1.92
CA ARG A 58 11.92 8.59 -3.11
C ARG A 58 10.41 8.78 -2.96
N TYR A 59 9.90 8.58 -1.75
CA TYR A 59 8.47 8.67 -1.47
C TYR A 59 8.03 9.92 -0.72
N LYS A 60 8.95 10.85 -0.46
CA LYS A 60 8.65 12.07 0.28
C LYS A 60 7.46 12.84 -0.31
N ASP A 61 7.56 13.17 -1.59
CA ASP A 61 6.49 13.89 -2.29
C ASP A 61 5.22 13.04 -2.37
N THR A 62 5.40 11.76 -2.71
CA THR A 62 4.31 10.80 -2.85
C THR A 62 3.53 10.65 -1.54
N ILE A 63 4.21 10.21 -0.48
CA ILE A 63 3.58 9.94 0.83
C ILE A 63 2.82 11.15 1.36
N ASN A 64 3.35 12.34 1.11
CA ASN A 64 2.72 13.59 1.53
C ASN A 64 1.42 13.86 0.82
N LYS A 65 1.41 13.62 -0.50
CA LYS A 65 0.20 13.78 -1.31
C LYS A 65 -0.89 12.81 -0.84
N ILE A 66 -0.46 11.60 -0.48
CA ILE A 66 -1.36 10.57 0.04
C ILE A 66 -2.05 11.02 1.32
N ARG A 67 -1.25 11.45 2.30
CA ARG A 67 -1.76 11.91 3.59
C ARG A 67 -2.66 13.13 3.47
N ASP A 68 -2.52 13.88 2.38
CA ASP A 68 -3.36 15.03 2.13
C ASP A 68 -4.67 14.65 1.44
N LEU A 69 -4.62 13.56 0.67
CA LEU A 69 -5.82 13.06 -0.02
C LEU A 69 -6.65 12.14 0.86
N ARG A 70 -5.98 11.33 1.67
CA ARG A 70 -6.65 10.41 2.59
C ARG A 70 -7.33 11.18 3.71
N MET A 71 -8.29 10.53 4.35
CA MET A 71 -9.00 11.12 5.48
C MET A 71 -8.06 11.33 6.67
N LYS A 72 -8.02 12.56 7.16
CA LYS A 72 -7.19 12.95 8.29
C LYS A 72 -7.99 13.71 9.33
N ALA A 73 -7.42 13.83 10.54
CA ALA A 73 -8.09 14.47 11.67
C ALA A 73 -8.59 15.89 11.37
N GLU A 74 -7.72 16.72 10.79
CA GLU A 74 -8.06 18.12 10.49
C GLU A 74 -9.17 18.27 9.44
N ASP A 75 -9.68 17.15 8.95
CA ASP A 75 -10.85 17.15 8.08
C ASP A 75 -12.12 17.34 8.91
N TYR A 76 -11.98 17.27 10.23
CA TYR A 76 -13.12 17.42 11.14
C TYR A 76 -12.96 18.62 12.08
N GLU A 77 -14.08 19.33 12.24
CA GLU A 77 -14.18 20.43 13.20
C GLU A 77 -14.81 19.87 14.47
N VAL A 78 -14.04 19.84 15.56
CA VAL A 78 -14.52 19.32 16.84
C VAL A 78 -15.51 20.28 17.50
N VAL A 79 -16.77 19.88 17.52
CA VAL A 79 -17.84 20.70 18.10
C VAL A 79 -17.74 20.73 19.63
N LYS A 80 -17.32 19.60 20.22
CA LYS A 80 -17.30 19.43 21.68
C LYS A 80 -17.00 17.98 22.03
N VAL A 81 -16.23 17.78 23.11
CA VAL A 81 -16.00 16.44 23.66
C VAL A 81 -17.24 15.97 24.40
N ILE A 82 -17.62 14.71 24.20
CA ILE A 82 -18.84 14.15 24.79
C ILE A 82 -18.62 12.79 25.45
N GLY A 83 -17.38 12.48 25.77
CA GLY A 83 -17.04 11.19 26.38
C GLY A 83 -15.55 10.95 26.37
N ARG A 84 -15.05 10.43 27.49
CA ARG A 84 -13.64 10.14 27.67
C ARG A 84 -13.47 8.74 28.26
N GLY A 85 -12.25 8.24 28.22
CA GLY A 85 -11.90 6.98 28.84
C GLY A 85 -10.42 6.72 28.61
N ALA A 86 -9.90 5.65 29.21
CA ALA A 86 -8.56 5.20 28.92
C ALA A 86 -8.52 4.87 27.43
N PHE A 87 -7.34 4.99 26.82
CA PHE A 87 -7.16 4.73 25.39
C PHE A 87 -7.70 5.86 24.50
N GLY A 88 -8.52 6.75 25.06
CA GLY A 88 -8.98 7.91 24.30
C GLY A 88 -10.41 8.38 24.54
N GLU A 89 -10.79 9.43 23.81
CA GLU A 89 -12.07 10.10 23.99
C GLU A 89 -13.00 9.97 22.77
N VAL A 90 -14.18 10.55 22.89
CA VAL A 90 -15.19 10.60 21.83
C VAL A 90 -15.64 12.05 21.72
N GLN A 91 -15.66 12.59 20.50
CA GLN A 91 -16.03 13.99 20.32
C GLN A 91 -17.05 14.22 19.21
N LEU A 92 -18.02 15.08 19.52
CA LEU A 92 -18.98 15.53 18.53
C LEU A 92 -18.25 16.39 17.52
N VAL A 93 -18.12 15.86 16.31
CA VAL A 93 -17.41 16.56 15.25
C VAL A 93 -18.31 16.81 14.04
N ARG A 94 -17.93 17.83 13.27
CA ARG A 94 -18.58 18.14 12.02
C ARG A 94 -17.51 18.06 10.95
N HIS A 95 -17.77 17.31 9.89
CA HIS A 95 -16.81 17.20 8.79
C HIS A 95 -16.78 18.51 8.03
N LYS A 96 -15.65 19.22 8.14
CA LYS A 96 -15.47 20.54 7.52
C LYS A 96 -16.00 20.62 6.10
N SER A 97 -15.71 19.61 5.27
CA SER A 97 -16.14 19.61 3.87
C SER A 97 -17.62 19.24 3.68
N THR A 98 -18.04 18.10 4.22
CA THR A 98 -19.42 17.62 4.03
C THR A 98 -20.43 18.31 4.95
N ARG A 99 -19.93 19.04 5.95
CA ARG A 99 -20.75 19.68 6.99
C ARG A 99 -21.51 18.66 7.83
N LYS A 100 -21.35 17.38 7.50
CA LYS A 100 -22.03 16.30 8.19
C LYS A 100 -21.51 16.11 9.61
N VAL A 101 -22.42 15.87 10.54
CA VAL A 101 -22.12 15.74 11.96
C VAL A 101 -21.92 14.28 12.35
N TYR A 102 -20.88 14.03 13.14
CA TYR A 102 -20.56 12.68 13.61
C TYR A 102 -20.13 12.66 15.06
N ALA A 103 -20.01 11.44 15.61
CA ALA A 103 -19.34 11.21 16.87
C ALA A 103 -18.08 10.42 16.58
N MET A 104 -16.94 11.12 16.61
CA MET A 104 -15.66 10.52 16.29
C MET A 104 -14.92 10.07 17.54
N LYS A 105 -14.48 8.81 17.52
CA LYS A 105 -13.78 8.21 18.65
C LYS A 105 -12.29 8.12 18.36
N LEU A 106 -11.49 8.74 19.23
CA LEU A 106 -10.04 8.73 19.11
C LEU A 106 -9.44 7.69 20.04
N LEU A 107 -8.47 6.94 19.53
CA LEU A 107 -7.80 5.93 20.34
C LEU A 107 -6.28 6.09 20.32
N SER A 108 -5.71 6.33 21.50
CA SER A 108 -4.27 6.53 21.65
C SER A 108 -3.51 5.25 21.33
N LYS A 109 -2.93 5.23 20.12
CA LYS A 109 -2.10 4.13 19.65
C LYS A 109 -1.12 3.69 20.74
N PHE A 110 -0.44 4.68 21.31
CA PHE A 110 0.51 4.45 22.39
C PHE A 110 -0.13 3.79 23.61
N GLU A 111 -1.24 4.36 24.08
CA GLU A 111 -1.91 3.89 25.29
C GLU A 111 -2.32 2.42 25.20
N MET A 112 -2.92 2.05 24.06
CA MET A 112 -3.29 0.66 23.81
C MET A 112 -2.05 -0.24 23.79
N ILE A 113 -0.99 0.23 23.13
CA ILE A 113 0.29 -0.47 23.13
C ILE A 113 0.92 -0.48 24.53
N LYS A 114 0.69 0.59 25.29
CA LYS A 114 1.14 0.68 26.67
C LYS A 114 0.29 -0.23 27.58
N ARG A 115 0.42 -1.54 27.34
CA ARG A 115 -0.29 -2.58 28.09
C ARG A 115 -1.82 -2.47 27.99
N SER A 116 -2.37 -3.18 27.00
CA SER A 116 -3.83 -3.29 26.82
C SER A 116 -4.21 -4.74 26.51
N ASP A 117 -3.18 -5.55 26.23
CA ASP A 117 -3.29 -7.01 26.05
C ASP A 117 -4.53 -7.56 25.34
N SER A 118 -5.00 -6.88 24.28
CA SER A 118 -6.23 -7.31 23.61
C SER A 118 -6.31 -7.12 22.09
N ALA A 119 -5.93 -5.92 21.63
CA ALA A 119 -6.22 -5.48 20.26
C ALA A 119 -7.72 -5.46 20.03
N PHE A 120 -8.43 -5.02 21.08
CA PHE A 120 -9.88 -4.96 21.15
C PHE A 120 -10.54 -4.24 19.98
N PHE A 121 -9.86 -3.19 19.50
CA PHE A 121 -10.42 -2.27 18.50
C PHE A 121 -10.82 -2.93 17.17
N TRP A 122 -10.27 -4.10 16.89
CA TRP A 122 -10.64 -4.83 15.66
C TRP A 122 -12.10 -5.27 15.70
N GLU A 123 -12.51 -5.84 16.83
CA GLU A 123 -13.89 -6.26 17.04
C GLU A 123 -14.84 -5.08 16.87
N GLU A 124 -14.52 -3.99 17.56
CA GLU A 124 -15.33 -2.78 17.55
C GLU A 124 -15.44 -2.20 16.14
N ARG A 125 -14.31 -2.14 15.43
CA ARG A 125 -14.30 -1.68 14.04
C ARG A 125 -15.20 -2.56 13.18
N ASP A 126 -15.01 -3.87 13.30
CA ASP A 126 -15.74 -4.87 12.52
C ASP A 126 -17.24 -4.79 12.74
N ILE A 127 -17.65 -4.84 14.00
CA ILE A 127 -19.07 -4.84 14.38
C ILE A 127 -19.78 -3.56 13.94
N MET A 128 -19.24 -2.41 14.30
CA MET A 128 -19.85 -1.13 13.96
C MET A 128 -19.85 -0.83 12.46
N ALA A 129 -18.93 -1.47 11.72
CA ALA A 129 -18.81 -1.23 10.29
C ALA A 129 -19.66 -2.19 9.45
N PHE A 130 -19.91 -3.39 9.97
CA PHE A 130 -20.60 -4.43 9.20
C PHE A 130 -21.89 -4.98 9.79
N ALA A 131 -22.13 -4.70 11.07
CA ALA A 131 -23.34 -5.18 11.74
C ALA A 131 -24.59 -4.87 10.92
N ASN A 132 -24.67 -3.63 10.43
CA ASN A 132 -25.81 -3.15 9.67
C ASN A 132 -27.13 -3.44 10.40
N SER A 133 -27.11 -3.19 11.70
CA SER A 133 -28.27 -3.40 12.54
C SER A 133 -28.65 -2.07 13.18
N PRO A 134 -29.97 -1.77 13.25
CA PRO A 134 -30.41 -0.53 13.88
C PRO A 134 -30.10 -0.52 15.37
N TRP A 135 -29.67 -1.68 15.89
CA TRP A 135 -29.32 -1.83 17.29
C TRP A 135 -27.85 -1.54 17.56
N VAL A 136 -27.07 -1.40 16.49
CA VAL A 136 -25.64 -1.18 16.60
C VAL A 136 -25.31 0.21 16.07
N VAL A 137 -24.52 0.97 16.84
CA VAL A 137 -23.98 2.24 16.38
C VAL A 137 -23.19 1.99 15.09
N GLN A 138 -23.39 2.86 14.11
CA GLN A 138 -22.77 2.66 12.80
C GLN A 138 -21.44 3.38 12.62
N LEU A 139 -20.44 2.63 12.17
CA LEU A 139 -19.14 3.17 11.81
C LEU A 139 -19.15 3.55 10.33
N PHE A 140 -18.83 4.81 10.04
CA PHE A 140 -18.82 5.31 8.68
C PHE A 140 -17.42 5.37 8.10
N TYR A 141 -16.49 5.83 8.93
CA TYR A 141 -15.10 5.95 8.53
C TYR A 141 -14.18 5.52 9.66
N ALA A 142 -13.11 4.83 9.29
CA ALA A 142 -12.03 4.54 10.22
C ALA A 142 -10.75 4.91 9.51
N PHE A 143 -9.97 5.79 10.12
CA PHE A 143 -8.69 6.19 9.58
C PHE A 143 -7.74 6.38 10.74
N GLN A 144 -6.48 6.63 10.43
CA GLN A 144 -5.47 6.75 11.47
C GLN A 144 -4.35 7.69 11.09
N ASP A 145 -3.41 7.85 12.01
CA ASP A 145 -2.15 8.53 11.78
C ASP A 145 -1.10 7.84 12.66
N ASP A 146 -0.01 8.54 12.97
CA ASP A 146 1.06 7.94 13.77
C ASP A 146 0.78 7.91 15.28
N ARG A 147 -0.36 8.46 15.70
CA ARG A 147 -0.62 8.66 17.12
C ARG A 147 -2.00 8.19 17.60
N TYR A 148 -3.02 8.33 16.75
CA TYR A 148 -4.38 7.93 17.12
C TYR A 148 -5.06 7.07 16.07
N LEU A 149 -5.96 6.21 16.54
CA LEU A 149 -6.94 5.56 15.68
C LEU A 149 -8.21 6.42 15.74
N TYR A 150 -8.90 6.54 14.61
CA TYR A 150 -10.11 7.32 14.55
C TYR A 150 -11.27 6.48 14.10
N MET A 151 -12.40 6.62 14.78
CA MET A 151 -13.62 5.92 14.43
C MET A 151 -14.77 6.91 14.28
N VAL A 152 -15.09 7.23 13.04
CA VAL A 152 -16.17 8.15 12.72
C VAL A 152 -17.50 7.40 12.72
N MET A 153 -18.22 7.53 13.82
CA MET A 153 -19.49 6.83 14.00
C MET A 153 -20.66 7.81 13.86
N GLU A 154 -21.88 7.27 13.91
CA GLU A 154 -23.07 8.12 13.95
C GLU A 154 -23.28 8.68 15.35
N TYR A 155 -23.68 9.95 15.40
CA TYR A 155 -23.93 10.63 16.65
C TYR A 155 -25.29 10.26 17.21
N MET A 156 -25.31 9.89 18.48
CA MET A 156 -26.53 9.53 19.18
C MET A 156 -26.91 10.68 20.12
N PRO A 157 -27.74 11.62 19.63
CA PRO A 157 -28.03 12.85 20.38
C PRO A 157 -28.83 12.64 21.67
N GLY A 158 -29.53 11.52 21.77
CA GLY A 158 -30.35 11.22 22.95
C GLY A 158 -29.59 10.91 24.23
N GLY A 159 -28.28 10.73 24.12
CA GLY A 159 -27.45 10.40 25.28
C GLY A 159 -27.56 8.95 25.68
N ASP A 160 -26.80 8.56 26.71
CA ASP A 160 -26.83 7.19 27.21
C ASP A 160 -27.91 6.96 28.27
N LEU A 161 -28.06 5.70 28.66
CA LEU A 161 -29.06 5.32 29.66
C LEU A 161 -28.66 5.67 31.09
N VAL A 162 -27.36 5.84 31.32
CA VAL A 162 -26.85 6.31 32.62
C VAL A 162 -27.38 7.72 32.90
N ASN A 163 -27.31 8.58 31.89
CA ASN A 163 -27.83 9.93 31.97
C ASN A 163 -29.34 9.95 32.17
N LEU A 164 -30.05 9.15 31.39
CA LEU A 164 -31.51 9.05 31.49
C LEU A 164 -31.96 8.65 32.89
N MET A 165 -31.29 7.65 33.46
CA MET A 165 -31.62 7.13 34.79
C MET A 165 -31.35 8.15 35.90
N SER A 166 -30.34 8.98 35.70
CA SER A 166 -29.99 10.01 36.68
C SER A 166 -30.94 11.20 36.64
N ASN A 167 -31.74 11.29 35.59
CA ASN A 167 -32.66 12.41 35.42
C ASN A 167 -34.13 12.05 35.67
N TYR A 168 -34.44 10.75 35.66
CA TYR A 168 -35.80 10.29 35.86
C TYR A 168 -35.86 9.10 36.82
N ASP A 169 -36.91 9.07 37.63
CA ASP A 169 -37.25 7.88 38.38
C ASP A 169 -38.02 6.96 37.43
N VAL A 170 -37.28 6.05 36.79
CA VAL A 170 -37.79 5.21 35.70
C VAL A 170 -39.01 4.37 36.10
N PRO A 171 -40.17 4.63 35.47
CA PRO A 171 -41.36 3.81 35.67
C PRO A 171 -41.27 2.51 34.89
N GLU A 172 -41.99 1.49 35.35
CA GLU A 172 -41.96 0.15 34.75
C GLU A 172 -42.15 0.15 33.23
N LYS A 173 -43.12 0.93 32.75
CA LYS A 173 -43.41 1.06 31.33
C LYS A 173 -42.12 1.30 30.55
N TRP A 174 -41.36 2.29 31.00
CA TRP A 174 -40.07 2.66 30.41
C TRP A 174 -39.08 1.52 30.53
N ALA A 175 -38.87 1.06 31.77
CA ALA A 175 -37.95 -0.04 32.05
C ALA A 175 -38.19 -1.21 31.10
N ARG A 176 -39.46 -1.56 30.92
CA ARG A 176 -39.86 -2.61 29.98
C ARG A 176 -39.38 -2.31 28.57
N PHE A 177 -39.66 -1.10 28.09
CA PHE A 177 -39.29 -0.67 26.74
C PHE A 177 -37.80 -0.84 26.47
N TYR A 178 -36.98 -0.33 27.39
CA TYR A 178 -35.52 -0.37 27.23
C TYR A 178 -34.98 -1.78 27.37
N THR A 179 -35.35 -2.46 28.46
CA THR A 179 -35.00 -3.87 28.64
C THR A 179 -35.30 -4.61 27.34
N ALA A 180 -36.46 -4.33 26.76
CA ALA A 180 -36.88 -4.95 25.50
C ALA A 180 -35.97 -4.60 24.31
N GLU A 181 -35.61 -3.32 24.18
CA GLU A 181 -34.71 -2.89 23.11
C GLU A 181 -33.30 -3.47 23.30
N VAL A 182 -32.85 -3.53 24.56
CA VAL A 182 -31.58 -4.14 24.91
C VAL A 182 -31.56 -5.62 24.53
N VAL A 183 -32.60 -6.34 24.95
CA VAL A 183 -32.74 -7.77 24.65
C VAL A 183 -32.66 -8.02 23.14
N LEU A 184 -33.35 -7.19 22.37
CA LEU A 184 -33.31 -7.28 20.91
C LEU A 184 -31.93 -6.90 20.35
N ALA A 185 -31.31 -5.88 20.95
CA ALA A 185 -29.96 -5.45 20.55
C ALA A 185 -28.93 -6.54 20.76
N LEU A 186 -28.92 -7.11 21.96
CA LEU A 186 -28.01 -8.20 22.31
C LEU A 186 -28.22 -9.43 21.44
N ASP A 187 -29.49 -9.78 21.22
CA ASP A 187 -29.85 -10.88 20.33
C ASP A 187 -29.26 -10.68 18.94
N ALA A 188 -29.27 -9.44 18.47
CA ALA A 188 -28.68 -9.09 17.17
C ALA A 188 -27.16 -9.26 17.17
N ILE A 189 -26.52 -8.88 18.28
CA ILE A 189 -25.07 -9.06 18.45
C ILE A 189 -24.70 -10.53 18.55
N HIS A 190 -25.52 -11.28 19.29
CA HIS A 190 -25.35 -12.73 19.42
C HIS A 190 -25.48 -13.42 18.07
N SER A 191 -26.40 -12.89 17.24
CA SER A 191 -26.64 -13.41 15.90
C SER A 191 -25.40 -13.29 15.02
N MET A 192 -24.62 -12.24 15.24
CA MET A 192 -23.36 -12.04 14.54
C MET A 192 -22.27 -12.98 15.10
N GLY A 193 -22.63 -13.72 16.15
CA GLY A 193 -21.72 -14.71 16.73
C GLY A 193 -20.83 -14.15 17.83
N PHE A 194 -21.31 -13.11 18.52
CA PHE A 194 -20.52 -12.49 19.58
C PHE A 194 -21.20 -12.58 20.94
N ILE A 195 -20.39 -12.73 21.98
CA ILE A 195 -20.84 -12.52 23.33
C ILE A 195 -20.35 -11.13 23.72
N HIS A 196 -21.27 -10.25 24.10
CA HIS A 196 -20.92 -8.87 24.38
C HIS A 196 -19.99 -8.72 25.59
N ARG A 197 -20.33 -9.40 26.68
CA ARG A 197 -19.49 -9.44 27.89
C ARG A 197 -19.47 -8.16 28.73
N ASP A 198 -19.97 -7.06 28.18
CA ASP A 198 -19.96 -5.77 28.89
C ASP A 198 -21.23 -4.94 28.62
N VAL A 199 -22.38 -5.53 28.91
CA VAL A 199 -23.66 -4.85 28.75
C VAL A 199 -23.91 -3.94 29.94
N LYS A 200 -24.02 -2.64 29.67
CA LYS A 200 -24.26 -1.64 30.71
C LYS A 200 -24.85 -0.35 30.15
N PRO A 201 -25.57 0.42 30.99
CA PRO A 201 -26.23 1.67 30.61
C PRO A 201 -25.31 2.69 29.92
N ASP A 202 -24.02 2.69 30.25
CA ASP A 202 -23.05 3.58 29.62
C ASP A 202 -22.97 3.37 28.10
N ASN A 203 -23.08 2.12 27.68
CA ASN A 203 -22.97 1.76 26.27
C ASN A 203 -24.31 1.75 25.54
N MET A 204 -25.38 1.98 26.28
CA MET A 204 -26.73 2.05 25.71
C MET A 204 -27.03 3.49 25.35
N LEU A 205 -27.08 3.77 24.05
CA LEU A 205 -27.31 5.14 23.57
C LEU A 205 -28.67 5.28 22.91
N LEU A 206 -29.19 6.49 22.91
CA LEU A 206 -30.48 6.79 22.28
C LEU A 206 -30.28 7.67 21.07
N ASP A 207 -30.91 7.30 19.96
CA ASP A 207 -30.86 8.11 18.75
C ASP A 207 -31.78 9.32 18.88
N LYS A 208 -31.84 10.15 17.84
CA LYS A 208 -32.68 11.34 17.83
C LYS A 208 -34.16 11.05 18.10
N SER A 209 -34.56 9.80 17.93
CA SER A 209 -35.93 9.37 18.14
C SER A 209 -36.13 8.80 19.55
N GLY A 210 -35.03 8.61 20.28
CA GLY A 210 -35.08 8.06 21.63
C GLY A 210 -35.01 6.55 21.68
N HIS A 211 -34.59 5.93 20.57
CA HIS A 211 -34.46 4.48 20.50
C HIS A 211 -33.04 4.03 20.75
N LEU A 212 -32.92 2.85 21.38
CA LEU A 212 -31.65 2.34 21.85
C LEU A 212 -30.75 1.77 20.75
N LYS A 213 -29.45 1.91 20.97
CA LYS A 213 -28.40 1.30 20.17
C LYS A 213 -27.24 0.98 21.11
N LEU A 214 -26.54 -0.11 20.85
CA LEU A 214 -25.34 -0.43 21.61
C LEU A 214 -24.12 0.20 20.95
N ALA A 215 -23.26 0.81 21.77
CA ALA A 215 -21.99 1.36 21.34
C ALA A 215 -20.90 0.65 22.15
N ASP A 216 -19.63 0.92 21.85
CA ASP A 216 -18.50 0.34 22.58
C ASP A 216 -18.56 -1.19 22.66
N PHE A 217 -17.92 -1.85 21.70
CA PHE A 217 -17.91 -3.31 21.64
C PHE A 217 -16.51 -3.88 21.87
N GLY A 218 -15.67 -3.08 22.55
CA GLY A 218 -14.27 -3.45 22.81
C GLY A 218 -14.06 -4.77 23.52
N THR A 219 -15.12 -5.31 24.12
CA THR A 219 -15.04 -6.56 24.86
C THR A 219 -15.63 -7.77 24.14
N CYS A 220 -16.29 -7.53 23.01
CA CYS A 220 -16.90 -8.59 22.22
C CYS A 220 -15.88 -9.63 21.76
N MET A 221 -16.29 -10.90 21.78
CA MET A 221 -15.44 -12.00 21.38
C MET A 221 -16.24 -13.08 20.66
N LYS A 222 -15.73 -13.49 19.49
CA LYS A 222 -16.37 -14.50 18.66
C LYS A 222 -16.63 -15.81 19.42
N MET A 223 -17.86 -16.28 19.34
CA MET A 223 -18.23 -17.58 19.92
C MET A 223 -17.71 -18.71 19.05
N ASN A 224 -17.36 -19.83 19.68
CA ASN A 224 -16.99 -21.03 18.93
C ASN A 224 -18.22 -21.78 18.44
N LYS A 225 -18.00 -22.90 17.76
CA LYS A 225 -19.07 -23.73 17.20
C LYS A 225 -20.08 -24.19 18.27
N GLU A 226 -19.58 -24.52 19.45
CA GLU A 226 -20.42 -24.88 20.59
C GLU A 226 -21.15 -23.66 21.17
N GLY A 227 -20.89 -22.49 20.57
CA GLY A 227 -21.51 -21.24 21.00
C GLY A 227 -20.93 -20.71 22.30
N MET A 228 -19.74 -21.17 22.67
CA MET A 228 -19.12 -20.80 23.93
C MET A 228 -17.86 -19.94 23.70
N VAL A 229 -17.26 -19.50 24.79
CA VAL A 229 -16.04 -18.69 24.77
C VAL A 229 -15.05 -19.23 25.80
N ARG A 230 -13.78 -19.32 25.42
CA ARG A 230 -12.73 -19.75 26.33
C ARG A 230 -11.86 -18.57 26.74
N CYS A 231 -11.96 -18.17 28.00
CA CYS A 231 -11.23 -17.01 28.52
C CYS A 231 -10.74 -17.23 29.94
N ASP A 232 -9.44 -17.05 30.15
CA ASP A 232 -8.81 -17.24 31.45
C ASP A 232 -8.90 -15.99 32.34
N THR A 233 -9.15 -14.85 31.71
CA THR A 233 -9.24 -13.58 32.44
C THR A 233 -10.61 -12.91 32.25
N ALA A 234 -11.29 -12.65 33.37
CA ALA A 234 -12.60 -12.01 33.38
C ALA A 234 -12.57 -10.63 32.76
N VAL A 235 -13.62 -10.31 32.02
CA VAL A 235 -13.79 -8.97 31.44
C VAL A 235 -15.21 -8.46 31.72
N GLY A 236 -15.37 -7.14 31.70
CA GLY A 236 -16.67 -6.52 31.96
C GLY A 236 -16.60 -5.43 33.01
N THR A 237 -17.72 -5.23 33.72
CA THR A 237 -17.84 -4.17 34.71
C THR A 237 -18.31 -4.75 36.05
N PRO A 238 -17.68 -4.32 37.17
CA PRO A 238 -17.97 -4.83 38.51
C PRO A 238 -19.44 -5.10 38.82
N ASP A 239 -20.30 -4.10 38.69
CA ASP A 239 -21.73 -4.24 39.01
C ASP A 239 -22.48 -5.22 38.11
N TYR A 240 -22.02 -5.37 36.87
CA TYR A 240 -22.77 -6.11 35.84
C TYR A 240 -22.18 -7.45 35.45
N ILE A 241 -20.93 -7.71 35.84
CA ILE A 241 -20.27 -8.97 35.49
C ILE A 241 -21.02 -10.16 36.09
N SER A 242 -21.24 -11.18 35.26
CA SER A 242 -21.94 -12.39 35.68
C SER A 242 -21.06 -13.26 36.57
N PRO A 243 -21.68 -14.06 37.46
CA PRO A 243 -20.95 -14.95 38.37
C PRO A 243 -19.94 -15.85 37.68
N GLU A 244 -20.19 -16.23 36.43
CA GLU A 244 -19.28 -17.11 35.70
C GLU A 244 -18.13 -16.38 35.03
N VAL A 245 -18.41 -15.23 34.39
CA VAL A 245 -17.35 -14.42 33.80
C VAL A 245 -16.44 -13.89 34.90
N LEU A 246 -17.01 -13.62 36.06
CA LEU A 246 -16.24 -13.17 37.21
C LEU A 246 -15.29 -14.26 37.73
N LYS A 247 -15.84 -15.45 37.97
CA LYS A 247 -15.05 -16.58 38.47
C LYS A 247 -14.14 -17.18 37.41
N SER A 248 -14.37 -16.82 36.14
CA SER A 248 -13.59 -17.35 35.02
C SER A 248 -12.10 -17.38 35.39
N GLN A 249 -11.54 -18.58 35.35
CA GLN A 249 -10.17 -18.80 35.81
C GLN A 249 -9.36 -19.56 34.77
N GLY A 250 -8.05 -19.66 35.03
CA GLY A 250 -7.14 -20.45 34.21
C GLY A 250 -7.52 -21.92 34.20
N GLY A 251 -8.20 -22.36 35.28
CA GLY A 251 -8.74 -23.71 35.37
C GLY A 251 -9.58 -24.10 34.16
N ASP A 252 -10.16 -23.08 33.50
CA ASP A 252 -10.89 -23.26 32.25
C ASP A 252 -11.37 -21.92 31.69
N GLY A 253 -12.37 -21.33 32.34
CA GLY A 253 -13.02 -20.12 31.85
C GLY A 253 -13.73 -20.37 30.53
N TYR A 254 -14.90 -20.99 30.62
CA TYR A 254 -15.65 -21.44 29.45
C TYR A 254 -17.14 -21.22 29.67
N TYR A 255 -17.66 -20.11 29.15
CA TYR A 255 -19.05 -19.71 29.38
C TYR A 255 -19.81 -19.45 28.09
N GLY A 256 -21.14 -19.43 28.20
CA GLY A 256 -22.01 -19.11 27.07
C GLY A 256 -22.54 -17.68 27.11
N ARG A 257 -23.45 -17.37 26.19
CA ARG A 257 -23.98 -16.02 26.04
C ARG A 257 -24.91 -15.58 27.19
N GLU A 258 -25.15 -16.49 28.13
CA GLU A 258 -26.01 -16.21 29.30
C GLU A 258 -25.45 -15.07 30.13
N CYS A 259 -24.13 -14.90 30.08
CA CYS A 259 -23.44 -13.84 30.82
C CYS A 259 -23.99 -12.46 30.49
N ASP A 260 -24.41 -12.28 29.23
CA ASP A 260 -25.04 -11.04 28.79
C ASP A 260 -26.42 -10.85 29.42
N TRP A 261 -27.24 -11.91 29.42
CA TRP A 261 -28.59 -11.85 29.97
C TRP A 261 -28.59 -11.53 31.46
N TRP A 262 -27.62 -12.08 32.17
CA TRP A 262 -27.41 -11.75 33.58
C TRP A 262 -27.27 -10.23 33.71
N SER A 263 -26.43 -9.65 32.85
CA SER A 263 -26.20 -8.20 32.86
C SER A 263 -27.48 -7.42 32.58
N VAL A 264 -28.31 -7.93 31.67
CA VAL A 264 -29.61 -7.33 31.36
C VAL A 264 -30.49 -7.29 32.62
N GLY A 265 -30.44 -8.36 33.40
CA GLY A 265 -31.13 -8.42 34.68
C GLY A 265 -30.67 -7.33 35.62
N VAL A 266 -29.35 -7.20 35.77
CA VAL A 266 -28.73 -6.14 36.56
C VAL A 266 -29.22 -4.79 36.07
N PHE A 267 -29.23 -4.62 34.74
CA PHE A 267 -29.73 -3.40 34.10
C PHE A 267 -31.17 -3.09 34.49
N LEU A 268 -32.03 -4.12 34.48
CA LEU A 268 -33.44 -3.97 34.82
C LEU A 268 -33.59 -3.57 36.29
N TYR A 269 -32.94 -4.32 37.17
CA TYR A 269 -32.99 -4.05 38.60
C TYR A 269 -32.66 -2.59 38.91
N GLU A 270 -31.63 -2.06 38.24
CA GLU A 270 -31.19 -0.69 38.47
C GLU A 270 -32.20 0.37 38.05
N MET A 271 -32.84 0.19 36.89
CA MET A 271 -33.84 1.14 36.40
C MET A 271 -35.02 1.27 37.36
N LEU A 272 -35.48 0.14 37.87
CA LEU A 272 -36.65 0.12 38.76
C LEU A 272 -36.30 0.55 40.18
N VAL A 273 -35.13 0.14 40.66
CA VAL A 273 -34.73 0.40 42.05
C VAL A 273 -33.93 1.70 42.21
N GLY A 274 -33.13 2.05 41.20
CA GLY A 274 -32.28 3.24 41.28
C GLY A 274 -30.91 2.92 41.86
N ASP A 275 -30.77 1.70 42.35
CA ASP A 275 -29.51 1.18 42.85
C ASP A 275 -29.21 -0.14 42.15
N THR A 276 -27.93 -0.49 42.08
CA THR A 276 -27.52 -1.78 41.52
C THR A 276 -27.82 -2.89 42.51
N PRO A 277 -28.17 -4.09 42.01
CA PRO A 277 -28.54 -5.21 42.89
C PRO A 277 -27.41 -5.64 43.81
N PHE A 278 -26.19 -5.22 43.49
CA PHE A 278 -25.03 -5.63 44.26
C PHE A 278 -24.14 -4.46 44.64
N TYR A 279 -24.77 -3.30 44.88
CA TYR A 279 -24.04 -2.15 45.39
C TYR A 279 -23.28 -2.53 46.65
N ALA A 280 -22.12 -1.88 46.84
CA ALA A 280 -21.34 -2.07 48.06
C ALA A 280 -20.51 -0.84 48.35
N ASP A 281 -20.02 -0.76 49.58
CA ASP A 281 -19.12 0.31 50.02
C ASP A 281 -17.91 0.43 49.09
N SER A 282 -17.36 -0.73 48.73
CA SER A 282 -16.19 -0.81 47.87
C SER A 282 -16.45 -1.81 46.74
N LEU A 283 -15.74 -1.66 45.63
CA LEU A 283 -15.87 -2.55 44.48
C LEU A 283 -15.83 -4.01 44.91
N VAL A 284 -14.80 -4.36 45.69
CA VAL A 284 -14.60 -5.72 46.20
C VAL A 284 -15.80 -6.28 46.96
N GLY A 285 -16.60 -5.40 47.55
CA GLY A 285 -17.83 -5.80 48.23
C GLY A 285 -18.85 -6.30 47.22
N THR A 286 -19.00 -5.55 46.12
CA THR A 286 -19.88 -5.92 45.01
C THR A 286 -19.52 -7.32 44.51
N TYR A 287 -18.22 -7.60 44.48
CA TYR A 287 -17.70 -8.90 44.06
C TYR A 287 -18.26 -10.03 44.91
N SER A 288 -18.15 -9.88 46.23
CA SER A 288 -18.65 -10.87 47.17
C SER A 288 -20.16 -11.02 47.07
N LYS A 289 -20.85 -9.89 46.98
CA LYS A 289 -22.31 -9.88 46.84
C LYS A 289 -22.78 -10.53 45.55
N ILE A 290 -22.00 -10.39 44.46
CA ILE A 290 -22.32 -11.03 43.18
C ILE A 290 -22.22 -12.55 43.26
N MET A 291 -21.13 -13.05 43.80
CA MET A 291 -20.93 -14.50 43.98
C MET A 291 -21.99 -15.08 44.92
N ASN A 292 -22.44 -14.24 45.86
CA ASN A 292 -23.48 -14.60 46.81
C ASN A 292 -24.85 -14.07 46.36
N HIS A 293 -25.05 -13.98 45.04
CA HIS A 293 -26.30 -13.47 44.46
C HIS A 293 -27.54 -14.18 45.02
N LYS A 294 -27.39 -15.49 45.26
CA LYS A 294 -28.47 -16.33 45.79
C LYS A 294 -29.05 -15.77 47.09
N ASN A 295 -28.21 -15.12 47.89
CA ASN A 295 -28.63 -14.53 49.16
C ASN A 295 -28.63 -12.99 49.19
N SER A 296 -27.75 -12.39 48.39
CA SER A 296 -27.61 -10.92 48.39
C SER A 296 -28.67 -10.22 47.54
N LEU A 297 -29.33 -10.96 46.66
CA LEU A 297 -30.37 -10.38 45.81
C LEU A 297 -31.67 -10.18 46.59
N THR A 298 -31.86 -8.95 47.07
CA THR A 298 -33.05 -8.57 47.83
C THR A 298 -33.58 -7.25 47.27
N PHE A 299 -34.90 -7.11 47.26
CA PHE A 299 -35.53 -5.88 46.81
C PHE A 299 -35.87 -5.02 48.02
N PRO A 300 -35.71 -3.68 47.90
CA PRO A 300 -36.05 -2.82 49.01
C PRO A 300 -37.55 -2.85 49.25
N ASP A 301 -37.99 -2.48 50.45
CA ASP A 301 -39.40 -2.49 50.79
C ASP A 301 -40.14 -1.37 50.04
N ASP A 302 -40.35 -1.61 48.75
CA ASP A 302 -40.96 -0.62 47.87
C ASP A 302 -42.10 -1.26 47.08
N ASN A 303 -43.32 -0.87 47.42
CA ASN A 303 -44.52 -1.38 46.77
C ASN A 303 -44.77 -0.64 45.45
N ASP A 304 -44.02 -1.03 44.43
CA ASP A 304 -44.11 -0.41 43.10
C ASP A 304 -43.42 -1.28 42.04
N ILE A 305 -42.57 -2.20 42.51
CA ILE A 305 -41.93 -3.17 41.63
C ILE A 305 -42.95 -4.28 41.40
N SER A 306 -43.47 -4.37 40.18
CA SER A 306 -44.48 -5.38 39.86
C SER A 306 -43.94 -6.77 40.10
N LYS A 307 -44.87 -7.73 40.25
CA LYS A 307 -44.53 -9.12 40.45
C LYS A 307 -43.60 -9.62 39.34
N GLU A 308 -44.01 -9.35 38.10
CA GLU A 308 -43.29 -9.75 36.89
C GLU A 308 -41.86 -9.22 36.87
N ALA A 309 -41.72 -7.94 37.22
CA ALA A 309 -40.42 -7.28 37.28
C ALA A 309 -39.47 -8.05 38.20
N LYS A 310 -39.92 -8.28 39.44
CA LYS A 310 -39.15 -9.06 40.41
C LYS A 310 -38.83 -10.45 39.87
N ASN A 311 -39.77 -11.05 39.15
CA ASN A 311 -39.58 -12.37 38.56
C ASN A 311 -38.48 -12.39 37.49
N LEU A 312 -38.55 -11.47 36.54
CA LEU A 312 -37.57 -11.41 35.46
C LEU A 312 -36.18 -11.13 36.03
N ILE A 313 -36.08 -10.07 36.85
CA ILE A 313 -34.84 -9.71 37.51
C ILE A 313 -34.19 -10.94 38.16
N CYS A 314 -34.99 -11.71 38.89
CA CYS A 314 -34.54 -12.95 39.52
C CYS A 314 -34.22 -14.05 38.50
N ALA A 315 -35.06 -14.17 37.48
CA ALA A 315 -34.86 -15.15 36.42
C ALA A 315 -33.52 -14.94 35.72
N PHE A 316 -33.10 -13.67 35.65
CA PHE A 316 -31.80 -13.30 35.10
C PHE A 316 -30.69 -13.43 36.15
N LEU A 317 -30.89 -12.84 37.33
CA LEU A 317 -29.88 -12.84 38.37
C LEU A 317 -29.80 -14.17 39.11
N THR A 318 -29.43 -15.21 38.38
CA THR A 318 -29.31 -16.56 38.94
C THR A 318 -28.25 -17.37 38.19
N ASP A 319 -27.77 -18.44 38.84
CA ASP A 319 -26.77 -19.34 38.27
C ASP A 319 -27.07 -19.70 36.82
N ARG A 320 -26.05 -19.55 35.98
CA ARG A 320 -26.12 -19.84 34.54
C ARG A 320 -27.03 -21.02 34.16
N GLU A 321 -26.82 -22.15 34.83
CA GLU A 321 -27.54 -23.39 34.55
C GLU A 321 -29.07 -23.26 34.56
N VAL A 322 -29.58 -22.39 35.42
CA VAL A 322 -31.03 -22.18 35.54
C VAL A 322 -31.45 -20.79 35.04
N ARG A 323 -30.48 -20.00 34.58
CA ARG A 323 -30.74 -18.62 34.16
C ARG A 323 -31.60 -18.54 32.89
N LEU A 324 -32.61 -17.68 32.94
CA LEU A 324 -33.47 -17.42 31.78
C LEU A 324 -32.64 -16.88 30.62
N GLY A 325 -32.79 -17.52 29.47
CA GLY A 325 -32.00 -17.15 28.29
C GLY A 325 -31.10 -18.27 27.81
N ARG A 326 -30.84 -19.23 28.71
CA ARG A 326 -30.06 -20.42 28.36
C ARG A 326 -30.70 -21.19 27.21
N ASN A 327 -32.02 -21.02 27.06
CA ASN A 327 -32.79 -21.69 26.01
C ASN A 327 -33.22 -20.70 24.92
N GLY A 328 -32.26 -19.94 24.40
CA GLY A 328 -32.54 -18.96 23.36
C GLY A 328 -33.24 -17.71 23.88
N VAL A 329 -33.28 -16.68 23.05
CA VAL A 329 -33.89 -15.40 23.41
C VAL A 329 -35.42 -15.50 23.54
N GLU A 330 -36.01 -16.42 22.77
CA GLU A 330 -37.46 -16.56 22.71
C GLU A 330 -38.12 -16.78 24.07
N GLU A 331 -37.44 -17.48 24.97
CA GLU A 331 -37.98 -17.71 26.31
C GLU A 331 -37.94 -16.47 27.19
N ILE A 332 -37.06 -15.52 26.85
CA ILE A 332 -37.03 -14.22 27.53
C ILE A 332 -38.21 -13.38 27.06
N LYS A 333 -38.35 -13.27 25.74
CA LYS A 333 -39.44 -12.51 25.10
C LYS A 333 -40.82 -12.94 25.58
N ARG A 334 -40.98 -14.23 25.84
CA ARG A 334 -42.24 -14.79 26.31
C ARG A 334 -42.51 -14.57 27.79
N HIS A 335 -41.56 -13.95 28.50
CA HIS A 335 -41.75 -13.64 29.91
C HIS A 335 -42.89 -12.64 30.08
N LEU A 336 -43.65 -12.79 31.16
CA LEU A 336 -44.81 -11.94 31.44
C LEU A 336 -44.47 -10.46 31.62
N PHE A 337 -43.33 -10.16 32.22
CA PHE A 337 -42.91 -8.76 32.44
C PHE A 337 -43.03 -7.90 31.17
N PHE A 338 -42.80 -8.54 30.02
CA PHE A 338 -42.86 -7.83 28.75
C PHE A 338 -44.27 -7.72 28.17
N LYS A 339 -45.20 -8.53 28.70
CA LYS A 339 -46.59 -8.51 28.25
C LYS A 339 -47.20 -7.13 28.47
N ASN A 340 -47.53 -6.48 27.36
CA ASN A 340 -48.10 -5.14 27.37
C ASN A 340 -49.08 -4.93 26.21
N ASP A 341 -49.63 -3.73 26.11
CA ASP A 341 -50.54 -3.35 25.03
C ASP A 341 -50.12 -2.06 24.36
N GLN A 342 -48.82 -1.92 24.14
CA GLN A 342 -48.27 -0.71 23.54
C GLN A 342 -47.37 -1.07 22.36
N TRP A 343 -46.73 -2.23 22.44
CA TRP A 343 -45.84 -2.71 21.39
C TRP A 343 -45.72 -4.23 21.37
N ALA A 344 -45.30 -4.75 20.22
CA ALA A 344 -44.92 -6.15 20.07
C ALA A 344 -43.48 -6.19 19.59
N TRP A 345 -42.74 -7.21 20.00
CA TRP A 345 -41.29 -7.32 19.75
C TRP A 345 -40.85 -6.93 18.34
N GLU A 346 -41.39 -7.62 17.33
CA GLU A 346 -41.00 -7.45 15.93
C GLU A 346 -41.26 -6.06 15.35
N THR A 347 -41.94 -5.21 16.11
CA THR A 347 -42.25 -3.85 15.67
C THR A 347 -41.88 -2.78 16.72
N LEU A 348 -41.17 -3.21 17.76
CA LEU A 348 -40.82 -2.35 18.90
C LEU A 348 -40.10 -1.05 18.51
N ARG A 349 -39.05 -1.16 17.70
CA ARG A 349 -38.26 0.01 17.32
C ARG A 349 -39.02 0.93 16.35
N ASP A 350 -40.28 0.58 16.09
CA ASP A 350 -41.16 1.38 15.25
C ASP A 350 -42.23 2.10 16.08
N THR A 351 -42.39 1.67 17.34
CA THR A 351 -43.28 2.36 18.28
C THR A 351 -42.58 3.60 18.82
N VAL A 352 -43.37 4.56 19.30
CA VAL A 352 -42.84 5.78 19.87
C VAL A 352 -42.15 5.51 21.22
N ALA A 353 -40.94 6.05 21.37
CA ALA A 353 -40.14 5.87 22.57
C ALA A 353 -40.72 6.61 23.78
N PRO A 354 -40.41 6.13 25.01
CA PRO A 354 -40.90 6.76 26.24
C PRO A 354 -40.35 8.16 26.47
N VAL A 355 -39.12 8.41 26.03
CA VAL A 355 -38.51 9.73 26.12
C VAL A 355 -37.95 10.10 24.76
N VAL A 356 -38.59 11.06 24.10
CA VAL A 356 -38.12 11.55 22.80
C VAL A 356 -37.34 12.84 23.02
N PRO A 357 -36.05 12.85 22.63
CA PRO A 357 -35.27 14.07 22.80
C PRO A 357 -35.75 15.22 21.91
N ASP A 358 -35.77 16.42 22.48
CA ASP A 358 -36.11 17.63 21.74
C ASP A 358 -34.80 18.38 21.49
N LEU A 359 -34.35 18.36 20.23
CA LEU A 359 -33.04 18.87 19.88
C LEU A 359 -33.10 20.23 19.21
N SER A 360 -32.22 21.13 19.63
CA SER A 360 -32.17 22.50 19.11
C SER A 360 -31.42 22.59 17.78
N SER A 361 -30.36 21.81 17.64
CA SER A 361 -29.53 21.82 16.44
C SER A 361 -28.87 20.45 16.22
N ASP A 362 -28.33 20.25 15.02
CA ASP A 362 -27.64 19.00 14.67
C ASP A 362 -26.47 18.70 15.62
N ILE A 363 -26.07 19.71 16.38
CA ILE A 363 -24.95 19.60 17.33
C ILE A 363 -25.38 19.77 18.79
N ASP A 364 -26.67 19.57 19.06
CA ASP A 364 -27.22 19.67 20.41
C ASP A 364 -26.65 18.56 21.30
N THR A 365 -25.95 18.96 22.36
CA THR A 365 -25.35 18.00 23.29
C THR A 365 -25.95 18.09 24.69
N SER A 366 -27.20 18.59 24.78
CA SER A 366 -27.88 18.77 26.06
C SER A 366 -28.00 17.48 26.86
N ASN A 367 -28.09 16.35 26.16
CA ASN A 367 -28.22 15.04 26.79
C ASN A 367 -26.88 14.37 27.13
N PHE A 368 -25.80 15.17 27.09
CA PHE A 368 -24.48 14.69 27.47
C PHE A 368 -23.88 15.64 28.49
N ASP A 369 -23.40 15.09 29.60
CA ASP A 369 -22.74 15.89 30.63
C ASP A 369 -21.55 16.64 30.03
N ASP A 370 -21.32 17.84 30.55
CA ASP A 370 -20.18 18.66 30.12
C ASP A 370 -18.84 17.96 30.33
N LEU A 371 -17.84 18.44 29.58
CA LEU A 371 -16.44 18.00 29.73
C LEU A 371 -15.49 19.10 29.26
N GLU A 372 -14.31 19.12 29.85
CA GLU A 372 -13.34 20.21 29.68
C GLU A 372 -13.02 20.65 28.25
N GLU A 373 -12.59 19.71 27.40
CA GLU A 373 -12.06 20.03 26.06
C GLU A 373 -10.59 20.47 26.14
N ASP A 374 -9.87 20.30 25.04
CA ASP A 374 -8.45 20.69 24.90
C ASP A 374 -7.45 19.70 25.48
N LYS A 375 -7.22 19.77 26.81
CA LYS A 375 -6.28 18.89 27.51
C LYS A 375 -4.81 19.27 27.27
N GLY A 376 -4.36 19.17 26.03
CA GLY A 376 -2.97 19.46 25.68
C GLY A 376 -2.24 18.21 25.21
N GLU A 377 -2.18 18.06 23.89
CA GLU A 377 -1.56 16.90 23.21
C GLU A 377 -0.78 15.95 24.11
N GLU A 378 -1.39 14.79 24.38
CA GLU A 378 -0.83 13.78 25.28
C GLU A 378 0.39 13.09 24.68
N GLU A 379 1.24 12.56 25.55
CA GLU A 379 2.48 11.90 25.14
C GLU A 379 2.22 10.60 24.37
N THR A 380 2.94 10.43 23.27
CA THR A 380 2.82 9.25 22.41
C THR A 380 4.09 8.39 22.49
N PHE A 381 4.37 7.64 21.43
CA PHE A 381 5.56 6.79 21.33
C PHE A 381 6.86 7.57 21.46
N PRO A 382 7.90 6.94 22.04
CA PRO A 382 9.22 7.57 22.09
C PRO A 382 9.96 7.43 20.76
N ILE A 383 10.63 8.50 20.36
CA ILE A 383 11.39 8.51 19.10
C ILE A 383 12.32 7.31 19.04
N PRO A 384 12.10 6.42 18.06
CA PRO A 384 12.87 5.17 17.93
C PRO A 384 14.35 5.42 17.68
N LYS A 385 15.19 4.52 18.19
CA LYS A 385 16.62 4.55 17.94
C LYS A 385 16.97 3.47 16.93
N ALA A 386 16.18 2.40 16.94
CA ALA A 386 16.24 1.33 15.95
C ALA A 386 14.81 1.08 15.47
N PHE A 387 14.66 0.37 14.34
CA PHE A 387 13.33 0.12 13.80
C PHE A 387 12.46 -0.64 14.80
N VAL A 388 11.41 0.04 15.26
CA VAL A 388 10.45 -0.56 16.19
C VAL A 388 9.21 -1.06 15.44
N GLY A 389 8.72 -0.22 14.52
CA GLY A 389 7.54 -0.55 13.73
C GLY A 389 6.24 -0.57 14.50
N ASN A 390 5.98 0.49 15.26
CA ASN A 390 4.79 0.58 16.11
C ASN A 390 3.48 0.77 15.35
N GLN A 391 3.58 1.11 14.08
CA GLN A 391 2.40 1.34 13.24
C GLN A 391 1.91 0.07 12.56
N LEU A 392 2.73 -0.98 12.63
CA LEU A 392 2.44 -2.26 12.01
C LEU A 392 1.22 -2.99 12.59
N PRO A 393 1.06 -2.99 13.94
CA PRO A 393 -0.16 -3.58 14.52
C PRO A 393 -1.46 -2.89 14.11
N PHE A 394 -1.37 -1.64 13.64
CA PHE A 394 -2.54 -0.86 13.27
C PHE A 394 -2.65 -0.67 11.76
N VAL A 395 -2.19 -1.67 11.01
CA VAL A 395 -2.27 -1.64 9.55
C VAL A 395 -3.57 -2.29 9.09
N GLY A 396 -4.31 -1.57 8.25
CA GLY A 396 -5.58 -2.06 7.72
C GLY A 396 -6.77 -1.67 8.56
N PHE A 397 -6.53 -0.94 9.65
CA PHE A 397 -7.59 -0.41 10.48
C PHE A 397 -8.44 0.56 9.67
N THR A 398 -7.80 1.28 8.75
CA THR A 398 -8.47 2.26 7.90
C THR A 398 -9.67 1.64 7.18
N TYR A 399 -10.78 2.36 7.27
CA TYR A 399 -12.02 2.03 6.61
C TYR A 399 -12.44 3.29 5.86
N TYR A 400 -12.08 3.34 4.57
CA TYR A 400 -12.28 4.55 3.78
C TYR A 400 -12.24 4.27 2.27
N SER A 401 -11.22 3.54 1.83
CA SER A 401 -11.03 3.24 0.40
C SER A 401 -11.84 2.03 -0.03
N ASN A 402 -11.98 1.06 0.87
CA ASN A 402 -12.73 -0.16 0.59
C ASN A 402 -13.75 -0.45 1.69
N ARG A 403 -14.78 0.38 1.74
CA ARG A 403 -15.90 0.18 2.66
C ARG A 403 -17.07 -0.48 1.95
N ARG A 404 -17.94 -1.12 2.73
CA ARG A 404 -19.08 -1.83 2.17
C ARG A 404 -20.26 -0.89 1.95
N TYR A 405 -21.00 -1.11 0.86
CA TYR A 405 -22.11 -0.23 0.49
C TYR A 405 -23.42 -1.00 0.30
N MET B 5 -10.98 21.32 -3.29
CA MET B 5 -11.45 19.97 -3.73
C MET B 5 -12.50 19.41 -2.78
N SER B 6 -13.61 18.94 -3.35
CA SER B 6 -14.69 18.34 -2.58
C SER B 6 -14.25 17.00 -2.00
N PHE B 7 -15.00 16.48 -1.03
CA PHE B 7 -14.73 15.16 -0.47
C PHE B 7 -14.77 14.10 -1.55
N GLU B 8 -15.73 14.24 -2.46
CA GLU B 8 -15.86 13.37 -3.63
C GLU B 8 -14.59 13.42 -4.47
N THR B 9 -14.10 14.63 -4.73
CA THR B 9 -12.86 14.84 -5.48
C THR B 9 -11.69 14.14 -4.82
N ARG B 10 -11.40 14.55 -3.59
CA ARG B 10 -10.30 13.99 -2.78
C ARG B 10 -10.34 12.47 -2.75
N PHE B 11 -11.53 11.92 -2.48
CA PHE B 11 -11.73 10.48 -2.41
C PHE B 11 -11.38 9.81 -3.74
N GLU B 12 -11.78 10.44 -4.84
CA GLU B 12 -11.61 9.86 -6.17
C GLU B 12 -10.21 10.05 -6.74
N LYS B 13 -9.60 11.20 -6.48
CA LYS B 13 -8.20 11.44 -6.84
C LYS B 13 -7.33 10.35 -6.24
N MET B 14 -7.65 9.98 -5.00
CA MET B 14 -6.99 8.90 -4.29
C MET B 14 -7.30 7.53 -4.91
N ASP B 15 -8.58 7.29 -5.21
CA ASP B 15 -9.00 6.00 -5.75
C ASP B 15 -8.49 5.76 -7.17
N ASN B 16 -8.27 6.85 -7.92
CA ASN B 16 -7.66 6.77 -9.24
C ASN B 16 -6.15 6.56 -9.17
N LEU B 17 -5.52 7.18 -8.17
CA LEU B 17 -4.10 6.99 -7.89
C LEU B 17 -3.75 5.52 -7.67
N LEU B 18 -4.70 4.77 -7.11
CA LEU B 18 -4.56 3.34 -6.90
C LEU B 18 -4.58 2.55 -8.20
N ARG B 19 -5.08 3.15 -9.28
CA ARG B 19 -5.22 2.48 -10.57
C ARG B 19 -4.31 3.00 -11.69
N ASP B 20 -3.68 4.16 -11.47
CA ASP B 20 -2.78 4.77 -12.44
C ASP B 20 -1.46 3.99 -12.51
N PRO B 21 -1.08 3.49 -13.70
CA PRO B 21 0.22 2.83 -13.87
C PRO B 21 1.40 3.79 -13.63
N LYS B 22 1.23 5.04 -14.05
CA LYS B 22 2.26 6.06 -13.87
C LYS B 22 2.32 6.58 -12.44
N SER B 23 1.67 5.87 -11.53
CA SER B 23 1.62 6.25 -10.11
C SER B 23 2.55 5.40 -9.26
N GLU B 24 3.23 6.06 -8.33
CA GLU B 24 4.10 5.39 -7.36
C GLU B 24 3.29 4.70 -6.26
N VAL B 25 2.01 5.06 -6.15
CA VAL B 25 1.11 4.49 -5.15
C VAL B 25 0.05 3.57 -5.74
N ASN B 26 0.16 3.28 -7.04
CA ASN B 26 -0.69 2.30 -7.69
C ASN B 26 -0.71 0.98 -6.90
N SER B 27 -1.80 0.24 -7.01
CA SER B 27 -1.98 -1.01 -6.26
C SER B 27 -0.75 -1.94 -6.30
N ASP B 28 -0.14 -2.09 -7.49
CA ASP B 28 1.05 -2.94 -7.65
C ASP B 28 2.21 -2.47 -6.78
N CYS B 29 2.48 -1.16 -6.83
CA CYS B 29 3.53 -0.55 -6.03
C CYS B 29 3.30 -0.81 -4.53
N LEU B 30 2.09 -0.47 -4.07
CA LEU B 30 1.72 -0.69 -2.67
C LEU B 30 1.90 -2.14 -2.25
N LEU B 31 1.48 -3.05 -3.13
CA LEU B 31 1.61 -4.48 -2.88
C LEU B 31 3.08 -4.88 -2.71
N ASP B 32 3.97 -4.19 -3.45
CA ASP B 32 5.41 -4.34 -3.27
C ASP B 32 5.79 -4.00 -1.83
N GLY B 33 5.53 -2.75 -1.44
CA GLY B 33 5.82 -2.25 -0.10
C GLY B 33 5.53 -3.24 1.01
N LEU B 34 4.41 -3.96 0.87
CA LEU B 34 4.04 -5.00 1.82
C LEU B 34 4.86 -6.28 1.61
N ASP B 35 4.88 -6.76 0.36
CA ASP B 35 5.68 -7.93 -0.05
C ASP B 35 7.12 -7.77 0.43
N ALA B 36 7.66 -6.56 0.26
CA ALA B 36 9.02 -6.22 0.67
C ALA B 36 9.16 -6.19 2.19
N LEU B 37 8.26 -5.46 2.85
CA LEU B 37 8.28 -5.31 4.30
C LEU B 37 8.17 -6.66 5.02
N VAL B 38 7.72 -7.68 4.30
CA VAL B 38 7.69 -9.05 4.83
C VAL B 38 9.09 -9.68 4.76
N TYR B 39 9.76 -9.53 3.61
CA TYR B 39 11.11 -10.08 3.42
C TYR B 39 12.11 -9.47 4.39
N ASP B 40 12.26 -8.14 4.32
CA ASP B 40 13.23 -7.42 5.15
C ASP B 40 12.75 -7.27 6.59
N LEU B 41 12.04 -8.29 7.08
CA LEU B 41 11.58 -8.34 8.47
C LEU B 41 11.47 -9.78 8.99
N ASP B 42 11.23 -10.73 8.10
CA ASP B 42 11.09 -12.13 8.48
C ASP B 42 12.45 -12.79 8.75
N PHE B 43 13.10 -12.32 9.81
CA PHE B 43 14.36 -12.88 10.27
C PHE B 43 14.25 -13.12 11.77
N PRO B 44 14.72 -14.31 12.23
CA PRO B 44 14.58 -14.70 13.63
C PRO B 44 14.99 -13.59 14.60
N ALA B 45 16.05 -12.86 14.26
CA ALA B 45 16.54 -11.75 15.09
C ALA B 45 15.52 -10.63 15.24
N LEU B 46 14.80 -10.33 14.16
CA LEU B 46 13.82 -9.24 14.15
C LEU B 46 12.45 -9.64 14.71
N ARG B 47 12.18 -10.95 14.71
CA ARG B 47 10.95 -11.49 15.27
C ARG B 47 10.80 -11.20 16.77
N LYS B 48 11.92 -10.92 17.43
CA LYS B 48 11.94 -10.55 18.84
C LYS B 48 10.93 -9.46 19.14
N ASN B 49 10.94 -8.41 18.33
CA ASN B 49 9.94 -7.34 18.39
C ASN B 49 8.56 -7.90 18.09
N LYS B 50 7.60 -7.61 18.96
CA LYS B 50 6.24 -8.13 18.82
C LYS B 50 5.50 -7.55 17.64
N ASN B 51 5.57 -6.22 17.48
CA ASN B 51 4.98 -5.53 16.33
C ASN B 51 5.39 -6.18 15.01
N ILE B 52 6.57 -6.80 15.01
CA ILE B 52 7.08 -7.52 13.85
C ILE B 52 6.55 -8.96 13.82
N ASP B 53 6.75 -9.71 14.90
CA ASP B 53 6.28 -11.09 15.00
C ASP B 53 4.77 -11.18 14.74
N ASN B 54 4.03 -10.18 15.19
CA ASN B 54 2.59 -10.11 14.96
C ASN B 54 2.25 -9.73 13.53
N PHE B 55 2.90 -8.67 13.03
CA PHE B 55 2.70 -8.20 11.66
C PHE B 55 2.93 -9.31 10.64
N LEU B 56 3.98 -10.09 10.84
CA LEU B 56 4.33 -11.19 9.95
C LEU B 56 3.36 -12.36 10.07
N SER B 57 3.06 -12.77 11.30
CA SER B 57 2.11 -13.84 11.56
C SER B 57 0.72 -13.53 10.99
N ARG B 58 0.40 -12.24 10.88
CA ARG B 58 -0.87 -11.80 10.31
C ARG B 58 -0.86 -11.89 8.78
N TYR B 59 0.26 -11.53 8.16
CA TYR B 59 0.33 -11.48 6.70
C TYR B 59 1.00 -12.70 6.06
N LYS B 60 1.40 -13.67 6.88
CA LYS B 60 2.00 -14.91 6.38
C LYS B 60 1.09 -15.56 5.34
N ASP B 61 -0.10 -15.97 5.77
CA ASP B 61 -1.10 -16.59 4.89
C ASP B 61 -1.32 -15.77 3.62
N THR B 62 -1.66 -14.49 3.81
CA THR B 62 -2.00 -13.59 2.71
C THR B 62 -0.82 -13.37 1.76
N ILE B 63 0.31 -12.90 2.30
CA ILE B 63 1.48 -12.53 1.48
C ILE B 63 1.98 -13.64 0.56
N ASN B 64 1.92 -14.89 1.05
CA ASN B 64 2.36 -16.05 0.28
C ASN B 64 1.48 -16.28 -0.94
N LYS B 65 0.16 -16.36 -0.69
CA LYS B 65 -0.84 -16.50 -1.72
C LYS B 65 -0.63 -15.42 -2.79
N ILE B 66 -0.43 -14.19 -2.33
CA ILE B 66 -0.15 -13.04 -3.19
C ILE B 66 1.00 -13.33 -4.15
N ARG B 67 2.17 -13.62 -3.59
CA ARG B 67 3.38 -13.92 -4.37
C ARG B 67 3.14 -15.02 -5.40
N ASP B 68 2.33 -16.00 -5.04
CA ASP B 68 1.97 -17.09 -5.95
C ASP B 68 1.01 -16.64 -7.05
N LEU B 69 0.12 -15.70 -6.71
CA LEU B 69 -0.87 -15.21 -7.68
C LEU B 69 -0.25 -14.25 -8.70
N ARG B 70 0.50 -13.28 -8.21
CA ARG B 70 1.15 -12.27 -9.05
C ARG B 70 2.10 -12.88 -10.05
N MET B 71 2.51 -12.09 -11.05
CA MET B 71 3.46 -12.54 -12.05
C MET B 71 4.79 -12.90 -11.39
N LYS B 72 5.21 -14.15 -11.61
CA LYS B 72 6.45 -14.67 -11.04
C LYS B 72 7.30 -15.31 -12.14
N ALA B 73 8.58 -15.55 -11.83
CA ALA B 73 9.55 -16.07 -12.80
C ALA B 73 9.13 -17.36 -13.49
N GLU B 74 8.64 -18.33 -12.70
CA GLU B 74 8.23 -19.64 -13.23
C GLU B 74 6.99 -19.60 -14.11
N ASP B 75 6.49 -18.39 -14.38
CA ASP B 75 5.42 -18.18 -15.36
C ASP B 75 6.01 -18.15 -16.78
N TYR B 76 7.34 -18.12 -16.85
CA TYR B 76 8.05 -18.08 -18.13
C TYR B 76 8.93 -19.30 -18.36
N GLU B 77 8.87 -19.82 -19.57
CA GLU B 77 9.75 -20.90 -20.02
C GLU B 77 10.91 -20.25 -20.76
N VAL B 78 12.12 -20.42 -20.21
CA VAL B 78 13.32 -19.86 -20.81
C VAL B 78 13.74 -20.64 -22.06
N VAL B 79 13.63 -19.99 -23.22
CA VAL B 79 13.96 -20.61 -24.50
C VAL B 79 15.47 -20.70 -24.70
N LYS B 80 16.20 -19.67 -24.25
CA LYS B 80 17.63 -19.56 -24.47
C LYS B 80 18.12 -18.19 -23.99
N VAL B 81 19.31 -18.14 -23.39
CA VAL B 81 19.95 -16.88 -23.04
C VAL B 81 20.46 -16.20 -24.30
N ILE B 82 20.26 -14.89 -24.40
CA ILE B 82 20.64 -14.13 -25.60
C ILE B 82 21.41 -12.83 -25.28
N GLY B 83 21.81 -12.68 -24.02
CA GLY B 83 22.52 -11.48 -23.57
C GLY B 83 22.81 -11.63 -22.10
N ARG B 84 24.00 -11.20 -21.68
CA ARG B 84 24.41 -11.31 -20.29
C ARG B 84 25.33 -10.16 -19.92
N GLY B 85 25.78 -10.17 -18.67
CA GLY B 85 26.71 -9.17 -18.15
C GLY B 85 26.04 -8.33 -17.09
N ALA B 86 26.29 -7.03 -17.17
CA ALA B 86 25.72 -6.04 -16.24
C ALA B 86 25.36 -6.63 -14.88
N PHE B 87 24.06 -6.65 -14.59
CA PHE B 87 23.56 -7.19 -13.33
C PHE B 87 22.70 -8.42 -13.55
N GLY B 88 22.64 -8.88 -14.79
CA GLY B 88 21.89 -10.07 -15.13
C GLY B 88 21.96 -10.47 -16.59
N GLU B 89 21.12 -11.42 -16.97
CA GLU B 89 21.10 -11.95 -18.32
C GLU B 89 19.75 -11.71 -19.01
N VAL B 90 19.83 -11.25 -20.26
CA VAL B 90 18.65 -11.15 -21.11
C VAL B 90 18.41 -12.52 -21.74
N GLN B 91 17.26 -13.11 -21.43
CA GLN B 91 16.92 -14.43 -21.93
C GLN B 91 15.62 -14.45 -22.73
N LEU B 92 15.62 -15.23 -23.81
CA LEU B 92 14.43 -15.44 -24.60
C LEU B 92 13.46 -16.29 -23.79
N VAL B 93 12.28 -15.73 -23.52
CA VAL B 93 11.28 -16.42 -22.72
C VAL B 93 9.95 -16.53 -23.46
N ARG B 94 9.27 -17.65 -23.25
CA ARG B 94 7.91 -17.81 -23.73
C ARG B 94 7.01 -17.90 -22.52
N HIS B 95 6.00 -17.04 -22.47
CA HIS B 95 5.05 -17.07 -21.37
C HIS B 95 4.30 -18.40 -21.37
N LYS B 96 4.41 -19.14 -20.27
CA LYS B 96 3.82 -20.47 -20.16
C LYS B 96 2.31 -20.49 -20.47
N SER B 97 1.60 -19.49 -19.97
CA SER B 97 0.15 -19.41 -20.16
C SER B 97 -0.25 -18.79 -21.51
N THR B 98 0.20 -17.57 -21.77
CA THR B 98 -0.15 -16.85 -22.99
C THR B 98 0.61 -17.36 -24.22
N ARG B 99 1.67 -18.14 -23.97
CA ARG B 99 2.52 -18.70 -25.02
C ARG B 99 3.09 -17.59 -25.93
N LYS B 100 3.33 -16.43 -25.33
CA LYS B 100 3.88 -15.28 -26.03
C LYS B 100 5.38 -15.20 -25.80
N VAL B 101 6.11 -14.84 -26.85
CA VAL B 101 7.56 -14.75 -26.78
C VAL B 101 7.99 -13.34 -26.37
N TYR B 102 8.89 -13.27 -25.40
CA TYR B 102 9.40 -12.01 -24.89
C TYR B 102 10.89 -12.10 -24.62
N ALA B 103 11.57 -10.96 -24.66
CA ALA B 103 12.95 -10.88 -24.20
C ALA B 103 12.93 -10.41 -22.75
N MET B 104 13.22 -11.32 -21.83
CA MET B 104 13.19 -11.01 -20.41
C MET B 104 14.59 -10.64 -19.91
N LYS B 105 14.67 -9.51 -19.21
CA LYS B 105 15.91 -9.05 -18.60
C LYS B 105 15.88 -9.31 -17.10
N LEU B 106 17.03 -9.67 -16.54
CA LEU B 106 17.16 -9.93 -15.12
C LEU B 106 18.20 -8.99 -14.52
N LEU B 107 18.00 -8.63 -13.26
CA LEU B 107 18.93 -7.74 -12.56
C LEU B 107 19.06 -8.18 -11.12
N SER B 108 20.20 -8.78 -10.79
CA SER B 108 20.47 -9.26 -9.43
C SER B 108 20.35 -8.13 -8.42
N LYS B 109 19.30 -8.22 -7.61
CA LYS B 109 19.05 -7.25 -6.53
C LYS B 109 20.29 -7.12 -5.66
N PHE B 110 20.90 -8.27 -5.35
CA PHE B 110 22.12 -8.29 -4.58
C PHE B 110 23.27 -7.61 -5.30
N GLU B 111 23.44 -7.92 -6.58
CA GLU B 111 24.54 -7.36 -7.37
C GLU B 111 24.48 -5.84 -7.44
N MET B 112 23.28 -5.31 -7.68
CA MET B 112 23.05 -3.87 -7.66
C MET B 112 23.37 -3.33 -6.27
N ILE B 113 22.62 -3.76 -5.26
CA ILE B 113 22.87 -3.37 -3.87
C ILE B 113 24.37 -3.38 -3.55
N LYS B 114 25.05 -4.46 -3.96
CA LYS B 114 26.49 -4.60 -3.75
C LYS B 114 27.27 -3.38 -4.24
N ARG B 115 27.34 -3.21 -5.57
CA ARG B 115 28.09 -2.10 -6.14
C ARG B 115 27.20 -0.90 -6.46
N SER B 116 26.67 -0.27 -5.41
CA SER B 116 25.77 0.89 -5.54
C SER B 116 24.78 0.69 -6.68
N ASP B 117 24.66 1.68 -7.57
CA ASP B 117 23.86 1.57 -8.79
C ASP B 117 22.59 0.70 -8.62
N SER B 118 21.65 1.22 -7.85
CA SER B 118 20.37 0.58 -7.63
C SER B 118 19.25 1.58 -7.87
N ALA B 119 19.43 2.40 -8.91
CA ALA B 119 18.49 3.47 -9.25
C ALA B 119 18.37 3.68 -10.75
N PHE B 120 19.38 3.20 -11.50
CA PHE B 120 19.39 3.32 -12.96
C PHE B 120 18.15 2.71 -13.59
N PHE B 121 17.67 1.61 -13.01
CA PHE B 121 16.58 0.82 -13.56
C PHE B 121 15.22 1.54 -13.60
N TRP B 122 15.09 2.59 -12.79
CA TRP B 122 13.85 3.38 -12.78
C TRP B 122 13.62 4.08 -14.11
N GLU B 123 14.68 4.70 -14.62
CA GLU B 123 14.65 5.37 -15.92
C GLU B 123 14.32 4.39 -17.03
N GLU B 124 14.99 3.24 -17.02
CA GLU B 124 14.79 2.21 -18.03
C GLU B 124 13.35 1.69 -18.00
N ARG B 125 12.86 1.36 -16.81
CA ARG B 125 11.48 0.90 -16.64
C ARG B 125 10.49 1.91 -17.19
N ASP B 126 10.67 3.17 -16.78
CA ASP B 126 9.79 4.26 -17.16
C ASP B 126 9.75 4.48 -18.67
N ILE B 127 10.93 4.61 -19.27
CA ILE B 127 11.06 4.86 -20.71
C ILE B 127 10.47 3.72 -21.53
N MET B 128 10.88 2.49 -21.25
CA MET B 128 10.40 1.33 -22.01
C MET B 128 8.91 1.04 -21.78
N ALA B 129 8.36 1.51 -20.67
CA ALA B 129 6.95 1.26 -20.34
C ALA B 129 6.00 2.35 -20.85
N PHE B 130 6.50 3.57 -21.02
CA PHE B 130 5.63 4.71 -21.37
C PHE B 130 6.05 5.49 -22.60
N ALA B 131 7.26 5.25 -23.10
CA ALA B 131 7.75 5.91 -24.31
C ALA B 131 6.73 5.82 -25.43
N ASN B 132 6.21 4.60 -25.63
CA ASN B 132 5.24 4.32 -26.68
C ASN B 132 5.73 4.84 -28.03
N SER B 133 7.02 4.64 -28.28
CA SER B 133 7.65 5.05 -29.52
C SER B 133 8.19 3.82 -30.23
N PRO B 134 8.08 3.78 -31.58
CA PRO B 134 8.61 2.65 -32.33
C PRO B 134 10.14 2.60 -32.29
N TRP B 135 10.75 3.68 -31.80
CA TRP B 135 12.19 3.78 -31.66
C TRP B 135 12.68 3.21 -30.33
N VAL B 136 11.73 2.87 -29.46
CA VAL B 136 12.04 2.38 -28.13
C VAL B 136 11.58 0.92 -28.01
N VAL B 137 12.44 0.07 -27.45
CA VAL B 137 12.05 -1.28 -27.08
C VAL B 137 10.93 -1.18 -26.04
N GLN B 138 9.89 -2.00 -26.20
CA GLN B 138 8.72 -1.90 -25.33
C GLN B 138 8.80 -2.84 -24.13
N LEU B 139 8.41 -2.32 -22.97
CA LEU B 139 8.33 -3.08 -21.74
C LEU B 139 6.87 -3.45 -21.48
N PHE B 140 6.58 -4.75 -21.45
CA PHE B 140 5.22 -5.24 -21.25
C PHE B 140 4.94 -5.56 -19.81
N TYR B 141 5.92 -6.18 -19.14
CA TYR B 141 5.79 -6.55 -17.75
C TYR B 141 7.06 -6.29 -16.97
N ALA B 142 6.89 -5.84 -15.73
CA ALA B 142 8.00 -5.64 -14.82
C ALA B 142 7.58 -6.18 -13.47
N PHE B 143 8.17 -7.30 -13.06
CA PHE B 143 7.88 -7.88 -11.78
C PHE B 143 9.18 -8.22 -11.06
N GLN B 144 9.07 -8.67 -9.81
CA GLN B 144 10.24 -8.96 -9.02
C GLN B 144 10.03 -10.12 -8.05
N ASP B 145 11.08 -10.41 -7.29
CA ASP B 145 11.05 -11.33 -6.17
C ASP B 145 12.11 -10.84 -5.18
N ASP B 146 12.61 -11.73 -4.32
CA ASP B 146 13.60 -11.33 -3.32
C ASP B 146 15.03 -11.20 -3.87
N ARG B 147 15.22 -11.59 -5.13
CA ARG B 147 16.57 -11.71 -5.69
C ARG B 147 16.80 -11.01 -7.04
N TYR B 148 15.77 -10.98 -7.88
CA TYR B 148 15.90 -10.38 -9.22
C TYR B 148 14.77 -9.43 -9.58
N LEU B 149 15.13 -8.36 -10.29
CA LEU B 149 14.16 -7.56 -11.01
C LEU B 149 13.99 -8.19 -12.38
N TYR B 150 12.77 -8.17 -12.90
CA TYR B 150 12.49 -8.76 -14.20
C TYR B 150 11.87 -7.74 -15.14
N MET B 151 12.40 -7.67 -16.35
CA MET B 151 11.89 -6.74 -17.35
C MET B 151 11.49 -7.48 -18.63
N VAL B 152 10.21 -7.83 -18.71
CA VAL B 152 9.67 -8.53 -19.86
C VAL B 152 9.45 -7.52 -21.00
N MET B 153 10.38 -7.54 -21.96
CA MET B 153 10.35 -6.61 -23.09
C MET B 153 10.00 -7.35 -24.38
N GLU B 154 9.84 -6.59 -25.47
CA GLU B 154 9.63 -7.19 -26.78
C GLU B 154 10.95 -7.68 -27.36
N TYR B 155 10.90 -8.89 -27.91
CA TYR B 155 12.07 -9.53 -28.50
C TYR B 155 12.39 -8.91 -29.86
N MET B 156 13.65 -8.55 -30.05
CA MET B 156 14.14 -7.99 -31.30
C MET B 156 14.93 -9.05 -32.03
N PRO B 157 14.27 -9.82 -32.91
CA PRO B 157 14.88 -10.98 -33.55
C PRO B 157 16.05 -10.65 -34.49
N GLY B 158 16.07 -9.41 -34.99
CA GLY B 158 17.11 -8.98 -35.92
C GLY B 158 18.50 -8.82 -35.32
N GLY B 159 18.61 -8.99 -34.01
CA GLY B 159 19.89 -8.84 -33.32
C GLY B 159 20.32 -7.39 -33.20
N ASP B 160 21.49 -7.17 -32.61
CA ASP B 160 22.03 -5.82 -32.46
C ASP B 160 22.92 -5.39 -33.62
N LEU B 161 23.28 -4.11 -33.63
CA LEU B 161 24.13 -3.53 -34.68
C LEU B 161 25.58 -3.96 -34.59
N VAL B 162 26.02 -4.38 -33.40
CA VAL B 162 27.37 -4.93 -33.21
C VAL B 162 27.51 -6.19 -34.06
N ASN B 163 26.52 -7.08 -33.94
CA ASN B 163 26.46 -8.30 -34.73
C ASN B 163 26.44 -8.01 -36.22
N LEU B 164 25.59 -7.06 -36.63
CA LEU B 164 25.47 -6.68 -38.04
C LEU B 164 26.81 -6.22 -38.61
N MET B 165 27.50 -5.36 -37.87
CA MET B 165 28.79 -4.81 -38.31
C MET B 165 29.89 -5.86 -38.40
N SER B 166 29.78 -6.91 -37.60
CA SER B 166 30.76 -8.00 -37.60
C SER B 166 30.54 -8.97 -38.77
N ASN B 167 29.37 -8.89 -39.39
CA ASN B 167 29.04 -9.77 -40.51
C ASN B 167 29.12 -9.09 -41.87
N TYR B 168 29.09 -7.76 -41.87
CA TYR B 168 29.14 -6.98 -43.10
C TYR B 168 30.13 -5.85 -43.02
N ASP B 169 30.77 -5.55 -44.15
CA ASP B 169 31.52 -4.33 -44.33
C ASP B 169 30.51 -3.25 -44.73
N VAL B 170 29.91 -2.62 -43.72
CA VAL B 170 28.79 -1.68 -43.90
C VAL B 170 29.03 -0.64 -45.00
N PRO B 171 28.21 -0.69 -46.07
CA PRO B 171 28.25 0.35 -47.10
C PRO B 171 27.58 1.63 -46.62
N GLU B 172 27.91 2.76 -47.28
CA GLU B 172 27.40 4.07 -46.87
C GLU B 172 25.88 4.14 -46.82
N LYS B 173 25.22 3.63 -47.86
CA LYS B 173 23.76 3.60 -47.94
C LYS B 173 23.17 3.06 -46.63
N TRP B 174 23.71 1.93 -46.19
CA TRP B 174 23.32 1.29 -44.94
C TRP B 174 23.66 2.19 -43.77
N ALA B 175 24.92 2.60 -43.69
CA ALA B 175 25.40 3.47 -42.62
C ALA B 175 24.47 4.67 -42.43
N ARG B 176 24.12 5.31 -43.55
CA ARG B 176 23.18 6.44 -43.55
C ARG B 176 21.83 6.06 -42.95
N PHE B 177 21.28 4.93 -43.39
CA PHE B 177 19.99 4.45 -42.91
C PHE B 177 19.96 4.30 -41.39
N TYR B 178 20.96 3.62 -40.84
CA TYR B 178 21.04 3.38 -39.40
C TYR B 178 21.31 4.64 -38.61
N THR B 179 22.28 5.43 -39.08
CA THR B 179 22.57 6.73 -38.49
C THR B 179 21.27 7.54 -38.42
N ALA B 180 20.51 7.53 -39.52
CA ALA B 180 19.24 8.24 -39.60
C ALA B 180 18.23 7.75 -38.55
N GLU B 181 18.09 6.44 -38.43
CA GLU B 181 17.16 5.85 -37.46
C GLU B 181 17.59 6.13 -36.03
N VAL B 182 18.91 6.07 -35.77
CA VAL B 182 19.47 6.41 -34.46
C VAL B 182 19.15 7.86 -34.11
N VAL B 183 19.44 8.77 -35.05
CA VAL B 183 19.15 10.19 -34.90
C VAL B 183 17.69 10.42 -34.51
N LEU B 184 16.78 9.76 -35.22
CA LEU B 184 15.35 9.85 -34.95
C LEU B 184 14.99 9.23 -33.60
N ALA B 185 15.62 8.11 -33.27
CA ALA B 185 15.40 7.42 -32.00
C ALA B 185 15.82 8.28 -30.83
N LEU B 186 17.05 8.79 -30.88
CA LEU B 186 17.59 9.65 -29.85
C LEU B 186 16.74 10.90 -29.66
N ASP B 187 16.41 11.56 -30.78
CA ASP B 187 15.54 12.74 -30.76
C ASP B 187 14.25 12.45 -30.00
N ALA B 188 13.67 11.27 -30.24
CA ALA B 188 12.47 10.84 -29.54
C ALA B 188 12.71 10.68 -28.03
N ILE B 189 13.86 10.12 -27.67
CA ILE B 189 14.26 9.98 -26.27
C ILE B 189 14.51 11.35 -25.64
N HIS B 190 15.10 12.26 -26.42
CA HIS B 190 15.28 13.64 -25.99
C HIS B 190 13.94 14.34 -25.78
N SER B 191 12.98 14.00 -26.64
CA SER B 191 11.62 14.57 -26.58
C SER B 191 10.91 14.21 -25.27
N MET B 192 11.20 13.02 -24.75
CA MET B 192 10.69 12.60 -23.45
C MET B 192 11.44 13.27 -22.31
N GLY B 193 12.48 14.04 -22.67
CA GLY B 193 13.25 14.82 -21.70
C GLY B 193 14.45 14.10 -21.15
N PHE B 194 15.04 13.20 -21.93
CA PHE B 194 16.19 12.43 -21.47
C PHE B 194 17.43 12.63 -22.34
N ILE B 195 18.58 12.67 -21.67
CA ILE B 195 19.86 12.56 -22.33
C ILE B 195 20.29 11.11 -22.16
N HIS B 196 20.49 10.41 -23.28
CA HIS B 196 20.78 8.99 -23.24
C HIS B 196 22.10 8.65 -22.56
N ARG B 197 23.17 9.34 -22.94
CA ARG B 197 24.50 9.20 -22.32
C ARG B 197 25.28 7.93 -22.70
N ASP B 198 24.60 6.91 -23.24
CA ASP B 198 25.23 5.64 -23.56
C ASP B 198 24.76 5.04 -24.89
N VAL B 199 24.83 5.85 -25.94
CA VAL B 199 24.44 5.42 -27.28
C VAL B 199 25.55 4.57 -27.88
N LYS B 200 25.23 3.30 -28.17
CA LYS B 200 26.20 2.37 -28.75
C LYS B 200 25.50 1.24 -29.51
N PRO B 201 26.21 0.61 -30.48
CA PRO B 201 25.69 -0.45 -31.32
C PRO B 201 25.09 -1.62 -30.54
N ASP B 202 25.64 -1.89 -29.35
CA ASP B 202 25.12 -2.97 -28.49
C ASP B 202 23.65 -2.79 -28.15
N ASN B 203 23.25 -1.54 -27.91
CA ASN B 203 21.88 -1.23 -27.52
C ASN B 203 20.96 -0.93 -28.70
N MET B 204 21.53 -0.88 -29.89
CA MET B 204 20.77 -0.68 -31.12
C MET B 204 20.31 -2.02 -31.63
N LEU B 205 19.01 -2.28 -31.51
CA LEU B 205 18.44 -3.56 -31.90
C LEU B 205 17.54 -3.43 -33.11
N LEU B 206 17.48 -4.50 -33.90
CA LEU B 206 16.63 -4.53 -35.09
C LEU B 206 15.42 -5.42 -34.85
N ASP B 207 14.24 -4.93 -35.22
CA ASP B 207 13.02 -5.73 -35.13
C ASP B 207 12.93 -6.73 -36.28
N LYS B 208 11.87 -7.53 -36.30
CA LYS B 208 11.63 -8.53 -37.35
C LYS B 208 11.69 -7.93 -38.76
N SER B 209 11.53 -6.62 -38.85
CA SER B 209 11.54 -5.91 -40.13
C SER B 209 12.91 -5.30 -40.44
N GLY B 210 13.85 -5.43 -39.51
CA GLY B 210 15.21 -4.90 -39.68
C GLY B 210 15.31 -3.42 -39.34
N HIS B 211 14.31 -2.91 -38.63
CA HIS B 211 14.29 -1.52 -38.21
C HIS B 211 14.80 -1.33 -36.79
N LEU B 212 15.51 -0.23 -36.58
CA LEU B 212 16.22 0.03 -35.33
C LEU B 212 15.29 0.43 -34.18
N LYS B 213 15.69 0.00 -32.98
CA LYS B 213 15.08 0.40 -31.73
C LYS B 213 16.20 0.51 -30.71
N LEU B 214 16.06 1.44 -29.76
CA LEU B 214 17.00 1.51 -28.65
C LEU B 214 16.51 0.67 -27.48
N ALA B 215 17.44 -0.08 -26.89
CA ALA B 215 17.19 -0.84 -25.67
C ALA B 215 18.17 -0.32 -24.63
N ASP B 216 18.14 -0.87 -23.42
CA ASP B 216 19.06 -0.48 -22.34
C ASP B 216 19.17 1.04 -22.15
N PHE B 217 18.35 1.56 -21.23
CA PHE B 217 18.31 3.00 -20.97
C PHE B 217 18.78 3.34 -19.56
N GLY B 218 19.41 2.39 -18.90
CA GLY B 218 19.85 2.56 -17.51
C GLY B 218 20.91 3.62 -17.28
N THR B 219 21.00 4.58 -18.21
CA THR B 219 21.94 5.69 -18.09
C THR B 219 21.28 7.03 -18.42
N CYS B 220 20.02 6.97 -18.86
CA CYS B 220 19.26 8.17 -19.20
C CYS B 220 18.92 8.98 -17.96
N MET B 221 18.80 10.29 -18.12
CA MET B 221 18.46 11.18 -17.01
C MET B 221 17.57 12.33 -17.46
N LYS B 222 16.80 12.88 -16.51
CA LYS B 222 15.88 13.97 -16.78
C LYS B 222 16.63 15.29 -16.90
N MET B 223 16.35 16.03 -17.96
CA MET B 223 16.98 17.32 -18.20
C MET B 223 16.35 18.39 -17.32
N ASN B 224 17.19 19.15 -16.62
CA ASN B 224 16.72 20.26 -15.78
C ASN B 224 16.06 21.36 -16.61
N LYS B 225 15.65 22.44 -15.93
CA LYS B 225 14.98 23.59 -16.56
C LYS B 225 15.59 24.03 -17.89
N GLU B 226 16.93 24.11 -17.94
CA GLU B 226 17.64 24.59 -19.13
C GLU B 226 18.00 23.46 -20.09
N GLY B 227 17.61 22.23 -19.73
CA GLY B 227 17.85 21.06 -20.58
C GLY B 227 19.23 20.45 -20.40
N MET B 228 19.74 20.46 -19.17
CA MET B 228 21.03 19.88 -18.85
C MET B 228 20.85 18.75 -17.85
N VAL B 229 21.93 18.01 -17.59
CA VAL B 229 21.93 16.99 -16.55
C VAL B 229 23.33 16.83 -15.94
N ARG B 230 23.49 17.36 -14.73
CA ARG B 230 24.71 17.14 -13.97
C ARG B 230 24.83 15.66 -13.67
N CYS B 231 26.05 15.21 -13.38
CA CYS B 231 26.28 13.83 -12.96
C CYS B 231 27.72 13.53 -12.57
N ASP B 232 27.85 12.50 -11.73
CA ASP B 232 29.13 11.95 -11.34
C ASP B 232 28.99 10.43 -11.27
N THR B 233 29.57 9.74 -12.24
CA THR B 233 29.52 8.29 -12.27
C THR B 233 30.67 7.77 -13.13
N ALA B 234 31.30 6.70 -12.66
CA ALA B 234 32.35 6.02 -13.42
C ALA B 234 31.88 5.71 -14.84
N VAL B 235 32.85 5.50 -15.74
CA VAL B 235 32.54 5.26 -17.14
C VAL B 235 33.09 3.91 -17.61
N GLY B 236 32.21 3.14 -18.25
CA GLY B 236 32.61 1.85 -18.82
C GLY B 236 32.63 1.93 -20.33
N THR B 237 33.67 1.35 -20.94
CA THR B 237 33.86 1.38 -22.39
C THR B 237 33.57 2.76 -22.99
N PRO B 238 34.55 3.69 -22.86
CA PRO B 238 34.37 5.09 -23.25
C PRO B 238 34.28 5.31 -24.76
N ASP B 239 34.54 4.25 -25.53
CA ASP B 239 34.56 4.30 -27.00
C ASP B 239 33.52 5.24 -27.63
N TYR B 240 32.31 5.23 -27.08
CA TYR B 240 31.20 6.03 -27.61
C TYR B 240 30.88 7.25 -26.75
N ILE B 241 31.45 7.29 -25.55
CA ILE B 241 31.24 8.40 -24.63
C ILE B 241 31.90 9.69 -25.12
N SER B 242 31.18 10.80 -24.96
CA SER B 242 31.61 12.12 -25.40
C SER B 242 32.65 12.75 -24.48
N PRO B 243 33.36 13.80 -24.97
CA PRO B 243 34.34 14.52 -24.14
C PRO B 243 33.76 15.15 -22.88
N GLU B 244 32.54 15.69 -22.98
CA GLU B 244 31.90 16.37 -21.84
C GLU B 244 31.57 15.40 -20.72
N VAL B 245 30.88 14.31 -21.06
CA VAL B 245 30.51 13.28 -20.10
C VAL B 245 31.75 12.73 -19.39
N LEU B 246 32.84 12.60 -20.14
CA LEU B 246 34.12 12.16 -19.58
C LEU B 246 34.70 13.19 -18.61
N LYS B 247 34.85 14.43 -19.08
CA LYS B 247 35.32 15.53 -18.23
C LYS B 247 34.36 15.85 -17.08
N SER B 248 33.29 15.06 -16.98
CA SER B 248 32.30 15.21 -15.91
C SER B 248 32.39 14.07 -14.90
N GLN B 249 33.62 13.65 -14.60
CA GLN B 249 33.85 12.59 -13.61
C GLN B 249 33.83 13.16 -12.20
N GLY B 250 32.64 13.35 -11.64
CA GLY B 250 32.51 13.82 -10.25
C GLY B 250 31.42 14.82 -9.95
N GLY B 251 30.49 15.01 -10.88
CA GLY B 251 29.37 15.93 -10.65
C GLY B 251 29.75 17.34 -11.06
N ASP B 252 31.05 17.58 -11.12
CA ASP B 252 31.59 18.86 -11.57
C ASP B 252 31.38 19.04 -13.08
N GLY B 253 30.13 18.91 -13.52
CA GLY B 253 29.83 19.02 -14.93
C GLY B 253 28.36 18.89 -15.32
N TYR B 254 27.89 19.87 -16.07
CA TYR B 254 26.56 19.86 -16.67
C TYR B 254 26.73 19.86 -18.18
N TYR B 255 26.12 18.89 -18.86
CA TYR B 255 26.21 18.79 -20.31
C TYR B 255 24.84 18.71 -20.97
N GLY B 256 24.75 19.17 -22.21
CA GLY B 256 23.51 19.11 -22.98
C GLY B 256 23.33 17.80 -23.69
N ARG B 257 22.28 17.72 -24.51
CA ARG B 257 21.93 16.51 -25.25
C ARG B 257 22.91 16.22 -26.40
N GLU B 258 23.76 17.19 -26.72
CA GLU B 258 24.75 17.05 -27.79
C GLU B 258 25.80 15.96 -27.49
N CYS B 259 25.81 15.49 -26.25
CA CYS B 259 26.68 14.36 -25.87
C CYS B 259 26.25 13.08 -26.58
N ASP B 260 24.95 12.96 -26.83
CA ASP B 260 24.40 11.84 -27.59
C ASP B 260 24.81 11.91 -29.07
N TRP B 261 24.77 13.11 -29.65
CA TRP B 261 25.14 13.30 -31.05
C TRP B 261 26.59 12.94 -31.32
N TRP B 262 27.47 13.24 -30.36
CA TRP B 262 28.85 12.82 -30.43
C TRP B 262 28.94 11.31 -30.60
N SER B 263 28.15 10.58 -29.82
CA SER B 263 28.11 9.13 -29.87
C SER B 263 27.67 8.64 -31.25
N VAL B 264 26.66 9.31 -31.82
CA VAL B 264 26.19 9.01 -33.17
C VAL B 264 27.34 9.16 -34.18
N GLY B 265 28.17 10.18 -33.96
CA GLY B 265 29.38 10.39 -34.76
C GLY B 265 30.33 9.22 -34.66
N VAL B 266 30.58 8.77 -33.43
CA VAL B 266 31.42 7.60 -33.18
C VAL B 266 30.82 6.40 -33.92
N PHE B 267 29.52 6.23 -33.78
CA PHE B 267 28.76 5.16 -34.44
C PHE B 267 28.98 5.15 -35.95
N LEU B 268 28.83 6.31 -36.58
CA LEU B 268 28.99 6.44 -38.03
C LEU B 268 30.41 6.08 -38.47
N TYR B 269 31.40 6.61 -37.76
CA TYR B 269 32.79 6.34 -38.05
C TYR B 269 33.08 4.84 -38.04
N GLU B 270 32.56 4.15 -37.02
CA GLU B 270 32.78 2.70 -36.88
C GLU B 270 32.18 1.89 -38.02
N MET B 271 30.96 2.24 -38.44
CA MET B 271 30.30 1.54 -39.54
C MET B 271 31.10 1.65 -40.83
N LEU B 272 31.63 2.85 -41.09
CA LEU B 272 32.38 3.11 -42.32
C LEU B 272 33.83 2.65 -42.27
N VAL B 273 34.43 2.68 -41.09
CA VAL B 273 35.85 2.33 -40.93
C VAL B 273 36.04 0.87 -40.47
N GLY B 274 35.20 0.42 -39.54
CA GLY B 274 35.30 -0.94 -39.01
C GLY B 274 35.86 -0.98 -37.60
N ASP B 275 36.34 0.17 -37.14
CA ASP B 275 36.89 0.32 -35.80
C ASP B 275 36.45 1.64 -35.17
N THR B 276 36.46 1.69 -33.84
CA THR B 276 36.12 2.92 -33.12
C THR B 276 37.22 3.97 -33.30
N PRO B 277 36.83 5.24 -33.58
CA PRO B 277 37.75 6.32 -33.90
C PRO B 277 38.81 6.59 -32.83
N PHE B 278 38.52 6.19 -31.60
CA PHE B 278 39.43 6.45 -30.49
C PHE B 278 39.78 5.18 -29.73
N TYR B 279 39.71 4.05 -30.43
CA TYR B 279 40.06 2.77 -29.84
C TYR B 279 41.49 2.75 -29.34
N ALA B 280 41.68 2.11 -28.18
CA ALA B 280 43.00 1.81 -27.67
C ALA B 280 42.99 0.52 -26.86
N ASP B 281 44.17 -0.07 -26.67
CA ASP B 281 44.32 -1.35 -25.98
C ASP B 281 43.82 -1.31 -24.53
N SER B 282 43.95 -0.14 -23.90
CA SER B 282 43.47 0.06 -22.54
C SER B 282 42.32 1.05 -22.51
N LEU B 283 41.53 1.02 -21.44
CA LEU B 283 40.42 1.93 -21.25
C LEU B 283 40.92 3.37 -21.18
N VAL B 284 41.95 3.60 -20.34
CA VAL B 284 42.59 4.91 -20.23
C VAL B 284 43.15 5.36 -21.57
N GLY B 285 43.53 4.40 -22.40
CA GLY B 285 44.01 4.66 -23.75
C GLY B 285 42.92 5.33 -24.58
N THR B 286 41.76 4.66 -24.67
CA THR B 286 40.62 5.19 -25.39
C THR B 286 40.26 6.58 -24.87
N TYR B 287 40.07 6.68 -23.55
CA TYR B 287 39.75 7.94 -22.89
C TYR B 287 40.67 9.08 -23.33
N SER B 288 41.98 8.82 -23.32
CA SER B 288 42.99 9.81 -23.70
C SER B 288 42.80 10.28 -25.13
N LYS B 289 42.70 9.32 -26.05
CA LYS B 289 42.48 9.59 -27.47
C LYS B 289 41.18 10.38 -27.69
N ILE B 290 40.15 10.07 -26.89
CA ILE B 290 38.88 10.80 -26.94
C ILE B 290 39.09 12.26 -26.58
N MET B 291 39.79 12.51 -25.47
CA MET B 291 40.10 13.87 -25.04
C MET B 291 40.90 14.61 -26.10
N ASN B 292 41.93 13.94 -26.61
CA ASN B 292 42.76 14.48 -27.69
C ASN B 292 42.15 14.19 -29.07
N HIS B 293 40.85 14.38 -29.20
CA HIS B 293 40.14 14.09 -30.45
C HIS B 293 40.45 15.07 -31.58
N LYS B 294 40.86 16.29 -31.22
CA LYS B 294 41.25 17.30 -32.21
C LYS B 294 42.43 16.78 -33.03
N ASN B 295 43.20 15.88 -32.43
CA ASN B 295 44.39 15.31 -33.09
C ASN B 295 44.30 13.82 -33.40
N SER B 296 43.62 13.06 -32.54
CA SER B 296 43.57 11.60 -32.68
C SER B 296 42.64 11.12 -33.78
N LEU B 297 41.60 11.89 -34.08
CA LEU B 297 40.62 11.53 -35.10
C LEU B 297 41.21 11.63 -36.51
N THR B 298 41.47 10.47 -37.11
CA THR B 298 42.00 10.38 -38.46
C THR B 298 41.18 9.41 -39.29
N PHE B 299 41.24 9.58 -40.61
CA PHE B 299 40.58 8.67 -41.53
C PHE B 299 41.64 7.97 -42.37
N PRO B 300 41.42 6.69 -42.74
CA PRO B 300 42.40 5.96 -43.54
C PRO B 300 42.61 6.57 -44.93
N ASP B 301 43.73 6.23 -45.57
CA ASP B 301 44.07 6.78 -46.88
C ASP B 301 43.32 6.12 -48.03
N ASP B 302 42.35 5.27 -47.70
CA ASP B 302 41.42 4.71 -48.69
C ASP B 302 40.18 5.58 -48.71
N ASN B 303 40.13 6.53 -49.65
CA ASN B 303 39.02 7.47 -49.75
C ASN B 303 37.68 6.82 -50.12
N ASP B 304 37.43 5.64 -49.56
CA ASP B 304 36.14 4.96 -49.71
C ASP B 304 35.04 5.78 -49.07
N ILE B 305 35.34 6.34 -47.90
CA ILE B 305 34.42 7.20 -47.16
C ILE B 305 34.23 8.50 -47.92
N SER B 306 32.97 8.83 -48.19
CA SER B 306 32.62 10.02 -48.98
C SER B 306 32.92 11.32 -48.23
N LYS B 307 32.88 12.42 -48.99
CA LYS B 307 33.09 13.77 -48.46
C LYS B 307 32.12 14.07 -47.33
N GLU B 308 30.83 13.90 -47.60
CA GLU B 308 29.75 14.17 -46.65
C GLU B 308 29.91 13.36 -45.37
N ALA B 309 30.27 12.10 -45.52
CA ALA B 309 30.50 11.20 -44.40
C ALA B 309 31.61 11.74 -43.49
N LYS B 310 32.75 12.08 -44.08
CA LYS B 310 33.86 12.68 -43.34
C LYS B 310 33.43 13.97 -42.62
N ASN B 311 32.59 14.76 -43.30
CA ASN B 311 32.07 16.01 -42.74
C ASN B 311 31.21 15.78 -41.51
N LEU B 312 30.18 14.94 -41.64
CA LEU B 312 29.27 14.65 -40.55
C LEU B 312 30.02 14.05 -39.36
N ILE B 313 30.83 13.02 -39.63
CA ILE B 313 31.64 12.39 -38.59
C ILE B 313 32.43 13.45 -37.81
N CYS B 314 33.02 14.40 -38.54
CA CYS B 314 33.75 15.52 -37.92
C CYS B 314 32.81 16.52 -37.24
N ALA B 315 31.67 16.79 -37.88
CA ALA B 315 30.66 17.70 -37.31
C ALA B 315 30.18 17.21 -35.95
N PHE B 316 30.06 15.89 -35.81
CA PHE B 316 29.72 15.28 -34.53
C PHE B 316 30.94 15.23 -33.60
N LEU B 317 32.04 14.67 -34.11
CA LEU B 317 33.25 14.50 -33.29
C LEU B 317 34.02 15.80 -33.05
N THR B 318 33.36 16.74 -32.38
CA THR B 318 33.95 18.03 -32.05
C THR B 318 33.39 18.60 -30.75
N ASP B 319 34.08 19.59 -30.20
CA ASP B 319 33.69 20.22 -28.94
C ASP B 319 32.22 20.63 -28.94
N ARG B 320 31.54 20.24 -27.87
CA ARG B 320 30.11 20.52 -27.63
C ARG B 320 29.63 21.86 -28.22
N GLU B 321 30.36 22.93 -27.90
CA GLU B 321 30.01 24.29 -28.29
C GLU B 321 29.82 24.48 -29.80
N VAL B 322 30.55 23.72 -30.60
CA VAL B 322 30.46 23.83 -32.06
C VAL B 322 29.84 22.57 -32.68
N ARG B 323 29.56 21.57 -31.84
CA ARG B 323 29.04 20.29 -32.30
C ARG B 323 27.69 20.42 -33.01
N LEU B 324 27.55 19.70 -34.12
CA LEU B 324 26.30 19.63 -34.86
C LEU B 324 25.22 18.99 -33.99
N GLY B 325 24.10 19.69 -33.83
CA GLY B 325 23.01 19.24 -32.97
C GLY B 325 22.83 20.10 -31.73
N ARG B 326 23.68 21.10 -31.58
CA ARG B 326 23.54 22.07 -30.49
C ARG B 326 22.40 23.05 -30.79
N ASN B 327 21.97 23.07 -32.04
CA ASN B 327 20.88 23.92 -32.50
C ASN B 327 19.65 23.08 -32.87
N GLY B 328 19.45 21.99 -32.12
CA GLY B 328 18.34 21.08 -32.39
C GLY B 328 18.71 20.01 -33.40
N VAL B 329 17.88 18.97 -33.46
CA VAL B 329 18.11 17.84 -34.37
C VAL B 329 17.98 18.23 -35.84
N GLU B 330 17.20 19.28 -36.11
CA GLU B 330 16.92 19.71 -37.48
C GLU B 330 18.16 20.03 -38.30
N GLU B 331 19.20 20.58 -37.66
CA GLU B 331 20.44 20.89 -38.36
C GLU B 331 21.26 19.64 -38.69
N ILE B 332 21.03 18.55 -37.94
CA ILE B 332 21.63 17.26 -38.25
C ILE B 332 20.94 16.67 -39.47
N LYS B 333 19.61 16.63 -39.42
CA LYS B 333 18.78 16.10 -40.51
C LYS B 333 19.06 16.78 -41.85
N ARG B 334 19.39 18.07 -41.79
CA ARG B 334 19.69 18.85 -42.98
C ARG B 334 21.10 18.66 -43.53
N HIS B 335 21.91 17.86 -42.85
CA HIS B 335 23.27 17.57 -43.34
C HIS B 335 23.19 16.80 -44.65
N LEU B 336 24.14 17.08 -45.53
CA LEU B 336 24.19 16.47 -46.86
C LEU B 336 24.37 14.95 -46.86
N PHE B 337 25.14 14.43 -45.90
CA PHE B 337 25.38 12.98 -45.81
C PHE B 337 24.09 12.16 -45.90
N PHE B 338 23.00 12.70 -45.35
CA PHE B 338 21.72 12.02 -45.34
C PHE B 338 20.95 12.19 -46.65
N LYS B 339 21.31 13.21 -47.42
CA LYS B 339 20.69 13.47 -48.72
C LYS B 339 20.75 12.24 -49.61
N ASN B 340 19.58 11.65 -49.85
CA ASN B 340 19.46 10.43 -50.66
C ASN B 340 18.16 10.41 -51.46
N ASP B 341 17.99 9.35 -52.26
CA ASP B 341 16.76 9.16 -53.04
C ASP B 341 16.10 7.83 -52.74
N GLN B 342 16.07 7.46 -51.45
CA GLN B 342 15.48 6.19 -51.03
C GLN B 342 14.45 6.41 -49.93
N TRP B 343 14.66 7.46 -49.12
CA TRP B 343 13.79 7.77 -48.01
C TRP B 343 13.82 9.24 -47.60
N ALA B 344 12.76 9.66 -46.92
CA ALA B 344 12.70 10.95 -46.26
C ALA B 344 12.46 10.70 -44.77
N TRP B 345 13.04 11.54 -43.92
CA TRP B 345 13.01 11.35 -42.46
C TRP B 345 11.66 10.90 -41.88
N GLU B 346 10.62 11.69 -42.13
CA GLU B 346 9.29 11.45 -41.55
C GLU B 346 8.64 10.12 -41.96
N THR B 347 9.24 9.43 -42.92
CA THR B 347 8.72 8.16 -43.41
C THR B 347 9.77 7.04 -43.40
N LEU B 348 10.94 7.33 -42.86
CA LEU B 348 12.08 6.40 -42.85
C LEU B 348 11.77 5.01 -42.30
N ARG B 349 11.12 4.96 -41.14
CA ARG B 349 10.80 3.67 -40.50
C ARG B 349 9.69 2.92 -41.24
N ASP B 350 9.26 3.48 -42.37
CA ASP B 350 8.27 2.84 -43.23
C ASP B 350 8.89 2.33 -44.53
N THR B 351 10.13 2.74 -44.78
CA THR B 351 10.88 2.24 -45.93
C THR B 351 11.47 0.87 -45.60
N VAL B 352 11.83 0.12 -46.64
CA VAL B 352 12.41 -1.21 -46.45
C VAL B 352 13.85 -1.11 -45.93
N ALA B 353 14.13 -1.85 -44.87
CA ALA B 353 15.45 -1.86 -44.22
C ALA B 353 16.53 -2.47 -45.11
N PRO B 354 17.81 -2.08 -44.90
CA PRO B 354 18.91 -2.63 -45.69
C PRO B 354 19.14 -4.12 -45.43
N VAL B 355 18.88 -4.55 -44.19
CA VAL B 355 18.98 -5.96 -43.82
C VAL B 355 17.71 -6.39 -43.11
N VAL B 356 16.91 -7.19 -43.80
CA VAL B 356 15.71 -7.77 -43.22
C VAL B 356 16.03 -9.21 -42.80
N PRO B 357 15.88 -9.51 -41.49
CA PRO B 357 16.15 -10.86 -41.02
C PRO B 357 15.14 -11.87 -41.54
N ASP B 358 15.63 -13.04 -41.93
CA ASP B 358 14.78 -14.15 -42.35
C ASP B 358 14.68 -15.11 -41.18
N LEU B 359 13.49 -15.16 -40.57
CA LEU B 359 13.30 -15.92 -39.35
C LEU B 359 12.58 -17.24 -39.58
N SER B 360 13.08 -18.30 -38.91
CA SER B 360 12.55 -19.65 -39.07
C SER B 360 11.36 -19.93 -38.16
N SER B 361 11.38 -19.35 -36.96
CA SER B 361 10.30 -19.50 -35.98
C SER B 361 10.23 -18.28 -35.07
N ASP B 362 9.21 -18.21 -34.23
CA ASP B 362 9.05 -17.10 -33.28
C ASP B 362 10.17 -17.06 -32.25
N ILE B 363 10.96 -18.13 -32.18
CA ILE B 363 12.09 -18.24 -31.24
C ILE B 363 13.44 -18.34 -31.95
N ASP B 364 13.50 -17.88 -33.20
CA ASP B 364 14.75 -17.88 -33.97
C ASP B 364 15.75 -16.90 -33.37
N THR B 365 16.88 -17.43 -32.90
CA THR B 365 17.93 -16.61 -32.30
C THR B 365 19.21 -16.62 -33.14
N SER B 366 19.07 -16.88 -34.44
CA SER B 366 20.22 -16.97 -35.34
C SER B 366 21.05 -15.68 -35.39
N ASN B 367 20.39 -14.55 -35.16
CA ASN B 367 21.05 -13.24 -35.15
C ASN B 367 21.63 -12.84 -33.80
N PHE B 368 21.70 -13.81 -32.88
CA PHE B 368 22.30 -13.61 -31.57
C PHE B 368 23.35 -14.67 -31.32
N ASP B 369 24.57 -14.24 -30.98
CA ASP B 369 25.65 -15.16 -30.63
C ASP B 369 25.23 -16.06 -29.48
N ASP B 370 25.66 -17.31 -29.53
CA ASP B 370 25.50 -18.20 -28.39
C ASP B 370 26.32 -17.65 -27.23
N LEU B 371 25.73 -17.66 -26.05
CA LEU B 371 26.45 -17.20 -24.88
C LEU B 371 26.92 -18.34 -24.00
N GLU B 372 28.02 -18.09 -23.30
CA GLU B 372 28.65 -19.05 -22.40
C GLU B 372 27.70 -19.46 -21.27
N GLU B 373 28.24 -20.14 -20.27
CA GLU B 373 27.50 -20.43 -19.05
C GLU B 373 28.04 -19.50 -17.98
N ASP B 374 27.17 -19.00 -17.12
CA ASP B 374 27.62 -18.08 -16.07
C ASP B 374 28.50 -18.81 -15.05
N LYS B 375 28.11 -20.04 -14.71
CA LYS B 375 28.78 -20.84 -13.67
C LYS B 375 28.78 -20.11 -12.33
N GLY B 376 28.20 -18.91 -12.33
CA GLY B 376 28.13 -18.06 -11.15
C GLY B 376 27.12 -18.54 -10.14
N GLU B 377 27.49 -18.41 -8.87
CA GLU B 377 26.65 -18.82 -7.76
C GLU B 377 26.09 -17.58 -7.05
N GLU B 378 25.62 -16.62 -7.84
CA GLU B 378 25.15 -15.33 -7.36
C GLU B 378 25.03 -15.27 -5.84
N GLU B 379 25.98 -14.60 -5.20
CA GLU B 379 25.98 -14.45 -3.74
C GLU B 379 24.61 -14.01 -3.24
N THR B 380 24.28 -14.43 -2.03
CA THR B 380 23.02 -14.06 -1.40
C THR B 380 23.25 -13.04 -0.29
N PHE B 381 22.18 -12.33 0.08
CA PHE B 381 22.24 -11.41 1.21
C PHE B 381 22.47 -12.16 2.52
N PRO B 382 23.24 -11.57 3.45
CA PRO B 382 23.41 -12.19 4.76
C PRO B 382 22.23 -11.89 5.67
N ILE B 383 21.97 -12.80 6.62
CA ILE B 383 20.90 -12.63 7.60
C ILE B 383 21.19 -11.39 8.44
N PRO B 384 20.29 -10.38 8.35
CA PRO B 384 20.46 -9.15 9.11
C PRO B 384 20.18 -9.35 10.61
N LYS B 385 20.89 -8.59 11.43
CA LYS B 385 20.68 -8.60 12.88
C LYS B 385 19.73 -7.46 13.26
N ALA B 386 19.62 -6.49 12.36
CA ALA B 386 18.71 -5.36 12.51
C ALA B 386 17.95 -5.15 11.19
N PHE B 387 17.47 -3.93 10.95
CA PHE B 387 16.77 -3.62 9.71
C PHE B 387 17.71 -3.03 8.66
N VAL B 388 17.99 -3.83 7.63
CA VAL B 388 18.80 -3.38 6.50
C VAL B 388 17.94 -2.76 5.40
N GLY B 389 16.81 -3.41 5.12
CA GLY B 389 15.86 -2.93 4.11
C GLY B 389 16.33 -2.99 2.68
N ASN B 390 16.95 -4.11 2.29
CA ASN B 390 17.46 -4.29 0.93
C ASN B 390 16.37 -4.55 -0.13
N GLN B 391 15.15 -4.14 0.18
CA GLN B 391 14.03 -4.29 -0.73
C GLN B 391 13.45 -2.93 -1.06
N LEU B 392 13.64 -1.99 -0.14
CA LEU B 392 13.19 -0.60 -0.29
C LEU B 392 13.67 0.09 -1.58
N PRO B 393 14.87 -0.28 -2.11
CA PRO B 393 15.25 0.34 -3.38
C PRO B 393 14.52 -0.21 -4.60
N PHE B 394 13.81 -1.32 -4.43
CA PHE B 394 13.13 -1.99 -5.54
C PHE B 394 11.61 -2.01 -5.34
N VAL B 395 11.13 -1.14 -4.46
CA VAL B 395 9.71 -1.03 -4.14
C VAL B 395 9.02 -0.03 -5.07
N GLY B 396 8.10 -0.53 -5.89
CA GLY B 396 7.40 0.30 -6.87
C GLY B 396 7.88 0.03 -8.29
N PHE B 397 8.66 -1.04 -8.44
CA PHE B 397 9.19 -1.45 -9.73
C PHE B 397 8.19 -2.30 -10.50
N THR B 398 7.41 -3.09 -9.78
CA THR B 398 6.40 -3.97 -10.37
C THR B 398 5.45 -3.16 -11.27
N TYR B 399 5.28 -3.63 -12.49
CA TYR B 399 4.45 -2.96 -13.49
C TYR B 399 3.76 -3.97 -14.41
N TYR B 400 2.45 -3.82 -14.57
CA TYR B 400 1.67 -4.66 -15.48
C TYR B 400 0.97 -3.82 -16.55
N SER B 401 0.77 -4.41 -17.72
CA SER B 401 0.10 -3.74 -18.84
C SER B 401 -1.31 -4.29 -19.09
N ASN B 402 -2.13 -3.49 -19.75
CA ASN B 402 -3.51 -3.88 -20.08
C ASN B 402 -3.80 -3.78 -21.57
#